data_3MA7
#
_entry.id   3MA7
#
_cell.length_a   46.773
_cell.length_b   50.921
_cell.length_c   103.165
_cell.angle_alpha   102.15
_cell.angle_beta   92.22
_cell.angle_gamma   106.21
#
_symmetry.space_group_name_H-M   'P 1'
#
loop_
_entity.id
_entity.type
_entity.pdbx_description
1 polymer 'T-cell surface glycoprotein CD1d1'
2 polymer 'Beta-2 microglobulin'
3 branched 2-acetamido-2-deoxy-beta-D-glucopyranose-(1-4)-2-acetamido-2-deoxy-beta-D-glucopyranose
4 non-polymer '(2R,5R,11R,14R)-5,8,11-trihydroxy-5,11-dioxido-17-oxo-2,14-bis(tetradecanoyloxy)-4,6,10,12,16-pentaoxa-5,11-diphosphatriacont-1-yl tetradecanoate'
5 non-polymer 'PALMITIC ACID'
6 non-polymer 2-acetamido-2-deoxy-beta-D-glucopyranose
7 water water
#
loop_
_entity_poly.entity_id
_entity_poly.type
_entity_poly.pdbx_seq_one_letter_code
_entity_poly.pdbx_strand_id
1 'polypeptide(L)'
;SEAQQKNYTFRCLQMSSFANRSWSRTDSVVWLGDLQTHRWSNDSATISFTKPWSQGKLSNQQWEKLQHMFQVYRVSFTRD
IQELVKMMSPKEDYPIEIQLSAGCEMYPGNASESFLHVAFQGKYVVRFWGTSWQTVPGAPSWLDLPIKVLNADQGTSATV
QMLLNDTCPLFVRGLLEAGKSDLEKQEKPVAWLSSVPSSAHGHRQLVCHVSGFYPKPVWVMWMRGDQEQQGTHRGDFLPN
ADETWYLQATLDVEAGEEAGLACRVKHSSLGGQDIILYWHHHHHH
;
C,A
2 'polypeptide(L)'
;IQKTPQIQVYSRHPPENGKPNILNCYVTQFHPPHIEIQMLKNGKKIPKVEMSDMSFSKDWSFYILAHTEFTPTETDTYAC
RVKHASMAEPKTVYWDRDM
;
D,B
#
# COMPACT_ATOMS: atom_id res chain seq x y z
N ASN A 7 -5.62 13.94 -6.42
CA ASN A 7 -4.36 13.17 -6.26
C ASN A 7 -3.55 12.98 -7.57
N TYR A 8 -4.20 12.98 -8.74
CA TYR A 8 -3.47 12.78 -10.01
C TYR A 8 -3.70 13.81 -11.13
N THR A 9 -2.63 14.33 -11.70
CA THR A 9 -2.74 15.19 -12.86
C THR A 9 -2.34 14.47 -14.15
N PHE A 10 -3.23 14.43 -15.12
CA PHE A 10 -2.97 13.90 -16.45
C PHE A 10 -2.76 15.09 -17.43
N ARG A 11 -1.58 15.21 -18.02
CA ARG A 11 -1.20 16.36 -18.88
C ARG A 11 -0.75 15.90 -20.28
N CYS A 12 -1.44 16.37 -21.32
CA CYS A 12 -0.95 16.26 -22.68
C CYS A 12 -0.23 17.54 -23.02
N LEU A 13 1.02 17.40 -23.46
CA LEU A 13 1.85 18.53 -23.74
C LEU A 13 2.22 18.58 -25.20
N GLN A 14 1.70 19.58 -25.89
CA GLN A 14 2.02 19.79 -27.29
C GLN A 14 3.05 20.91 -27.46
N MET A 15 4.05 20.64 -28.30
CA MET A 15 5.10 21.61 -28.62
C MET A 15 5.16 21.69 -30.13
N SER A 16 4.86 22.87 -30.66
CA SER A 16 4.87 23.12 -32.09
C SER A 16 5.81 24.27 -32.39
N SER A 17 6.76 24.03 -33.31
CA SER A 17 7.71 25.04 -33.76
C SER A 17 7.47 25.36 -35.20
N PHE A 18 7.50 26.64 -35.53
CA PHE A 18 7.32 27.09 -36.89
C PHE A 18 8.49 27.98 -37.22
N ALA A 19 9.40 27.48 -38.04
CA ALA A 19 10.63 28.20 -38.37
C ALA A 19 10.45 29.20 -39.49
N ASN A 20 9.76 28.77 -40.54
CA ASN A 20 9.45 29.62 -41.70
C ASN A 20 8.20 29.04 -42.37
N ARG A 21 7.87 29.52 -43.57
CA ARG A 21 6.68 29.05 -44.29
C ARG A 21 6.74 27.55 -44.58
N SER A 22 7.95 27.01 -44.77
CA SER A 22 8.11 25.63 -45.22
C SER A 22 8.64 24.67 -44.15
N TRP A 23 8.97 25.18 -42.96
CA TRP A 23 9.49 24.33 -41.90
C TRP A 23 8.67 24.47 -40.63
N SER A 24 8.18 23.34 -40.14
CA SER A 24 7.55 23.30 -38.83
C SER A 24 7.54 21.87 -38.31
N ARG A 25 7.33 21.72 -37.01
CA ARG A 25 7.20 20.40 -36.46
C ARG A 25 6.35 20.47 -35.24
N THR A 26 5.74 19.34 -34.91
CA THR A 26 4.91 19.21 -33.73
C THR A 26 5.25 17.92 -33.01
N ASP A 27 5.52 18.05 -31.71
CA ASP A 27 5.80 16.92 -30.86
C ASP A 27 5.01 17.14 -29.63
N SER A 28 4.54 16.03 -29.06
CA SER A 28 3.82 16.03 -27.83
C SER A 28 4.23 14.84 -26.97
N VAL A 29 4.01 14.99 -25.65
CA VAL A 29 4.25 13.99 -24.67
C VAL A 29 3.07 14.02 -23.75
N VAL A 30 2.84 12.92 -23.03
CA VAL A 30 1.69 12.85 -22.12
C VAL A 30 2.16 12.27 -20.80
N TRP A 31 1.69 12.83 -19.69
CA TRP A 31 2.14 12.48 -18.39
C TRP A 31 0.95 12.16 -17.52
N LEU A 32 1.05 11.09 -16.74
CA LEU A 32 0.10 10.81 -15.68
C LEU A 32 0.92 10.85 -14.42
N GLY A 33 0.67 11.81 -13.55
CA GLY A 33 1.60 12.16 -12.48
C GLY A 33 2.98 12.40 -13.10
N ASP A 34 3.97 11.70 -12.57
CA ASP A 34 5.35 11.86 -13.00
C ASP A 34 5.76 10.67 -13.91
N LEU A 35 4.79 10.08 -14.58
CA LEU A 35 5.06 8.91 -15.40
C LEU A 35 4.63 9.13 -16.82
N GLN A 36 5.59 9.30 -17.72
CA GLN A 36 5.21 9.50 -19.13
C GLN A 36 4.39 8.31 -19.64
N THR A 37 3.28 8.56 -20.32
CA THR A 37 2.45 7.47 -20.83
C THR A 37 2.37 7.44 -22.37
N HIS A 38 2.65 8.58 -23.00
CA HIS A 38 2.70 8.68 -24.46
C HIS A 38 3.74 9.65 -24.98
N ARG A 39 4.11 9.43 -26.24
CA ARG A 39 4.94 10.34 -27.02
C ARG A 39 4.37 10.32 -28.44
N TRP A 40 4.41 11.47 -29.10
CA TRP A 40 4.04 11.58 -30.49
C TRP A 40 5.05 12.45 -31.25
N SER A 41 6.01 11.78 -31.87
CA SER A 41 7.06 12.45 -32.58
C SER A 41 6.49 13.03 -33.88
N ASN A 42 7.01 14.18 -34.31
CA ASN A 42 6.57 14.80 -35.55
C ASN A 42 6.64 13.84 -36.74
N ASP A 43 7.68 13.01 -36.76
CA ASP A 43 7.93 12.13 -37.88
C ASP A 43 7.24 10.76 -37.66
N SER A 44 6.25 10.74 -36.76
CA SER A 44 5.45 9.54 -36.55
C SER A 44 4.00 9.78 -36.97
N ALA A 45 3.45 8.88 -37.79
CA ALA A 45 2.03 8.94 -38.16
C ALA A 45 1.12 8.71 -36.96
N THR A 46 1.61 7.96 -35.96
CA THR A 46 0.78 7.50 -34.88
C THR A 46 1.39 7.81 -33.52
N ILE A 47 0.57 7.67 -32.50
CA ILE A 47 0.94 7.99 -31.12
C ILE A 47 1.61 6.76 -30.52
N SER A 48 2.72 6.94 -29.81
CA SER A 48 3.44 5.84 -29.20
C SER A 48 3.12 5.73 -27.70
N PHE A 49 2.89 4.49 -27.26
CA PHE A 49 2.69 4.16 -25.85
C PHE A 49 4.05 4.05 -25.14
N THR A 50 4.23 4.79 -24.05
CA THR A 50 5.45 4.60 -23.27
C THR A 50 5.18 3.78 -22.00
N LYS A 51 4.01 3.15 -21.94
CA LYS A 51 3.74 2.18 -20.89
C LYS A 51 2.98 1.02 -21.55
N PRO A 52 3.05 -0.17 -20.94
CA PRO A 52 2.23 -1.31 -21.30
C PRO A 52 0.74 -1.00 -21.23
N TRP A 53 0.38 0.02 -20.45
CA TRP A 53 -1.01 0.26 -20.12
C TRP A 53 -1.49 1.63 -20.62
N SER A 54 -0.76 2.21 -21.55
CA SER A 54 -1.02 3.54 -22.07
C SER A 54 -2.31 3.67 -22.88
N GLN A 55 -2.98 2.55 -23.20
CA GLN A 55 -4.30 2.59 -23.81
C GLN A 55 -5.41 2.69 -22.76
N GLY A 56 -5.04 2.45 -21.51
CA GLY A 56 -6.07 2.38 -20.46
C GLY A 56 -7.03 1.22 -20.69
N LYS A 57 -8.33 1.50 -20.49
CA LYS A 57 -9.41 0.54 -20.68
C LYS A 57 -10.09 0.72 -22.05
N LEU A 58 -9.61 1.67 -22.86
CA LEU A 58 -10.15 1.89 -24.19
C LEU A 58 -9.97 0.66 -25.08
N SER A 59 -11.01 0.35 -25.88
CA SER A 59 -10.90 -0.65 -26.92
C SER A 59 -9.98 -0.21 -28.05
N ASN A 60 -9.49 -1.19 -28.81
CA ASN A 60 -8.65 -0.89 -29.97
C ASN A 60 -9.38 0.06 -30.89
N GLN A 61 -10.69 -0.17 -31.05
CA GLN A 61 -11.51 0.63 -31.93
C GLN A 61 -11.63 2.05 -31.40
N GLN A 62 -11.94 2.19 -30.12
CA GLN A 62 -11.99 3.52 -29.51
C GLN A 62 -10.65 4.22 -29.59
N TRP A 63 -9.56 3.45 -29.40
CA TRP A 63 -8.24 4.04 -29.52
C TRP A 63 -7.95 4.53 -30.95
N GLU A 64 -8.22 3.70 -31.95
CA GLU A 64 -7.97 4.06 -33.35
C GLU A 64 -8.70 5.35 -33.71
N LYS A 65 -9.97 5.41 -33.31
CA LYS A 65 -10.85 6.53 -33.59
C LYS A 65 -10.29 7.80 -32.99
N LEU A 66 -9.92 7.70 -31.72
CA LEU A 66 -9.37 8.81 -30.97
C LEU A 66 -8.04 9.31 -31.57
N GLN A 67 -7.21 8.37 -32.00
CA GLN A 67 -5.95 8.73 -32.63
C GLN A 67 -6.18 9.37 -34.00
N HIS A 68 -7.21 8.92 -34.74
CA HIS A 68 -7.55 9.53 -36.01
C HIS A 68 -7.92 10.99 -35.82
N MET A 69 -8.77 11.20 -34.84
CA MET A 69 -9.17 12.50 -34.44
C MET A 69 -7.92 13.35 -34.18
N PHE A 70 -6.95 12.82 -33.43
CA PHE A 70 -5.71 13.56 -33.18
C PHE A 70 -4.86 13.76 -34.43
N GLN A 71 -4.87 12.78 -35.33
CA GLN A 71 -4.20 12.87 -36.60
C GLN A 71 -4.78 13.99 -37.44
N VAL A 72 -6.10 14.12 -37.45
CA VAL A 72 -6.75 15.22 -38.19
C VAL A 72 -6.37 16.56 -37.55
N TYR A 73 -6.49 16.64 -36.22
CA TYR A 73 -6.11 17.84 -35.46
C TYR A 73 -4.64 18.25 -35.65
N ARG A 74 -3.72 17.30 -35.58
CA ARG A 74 -2.31 17.63 -35.87
C ARG A 74 -2.12 18.33 -37.23
N VAL A 75 -2.61 17.72 -38.31
CA VAL A 75 -2.44 18.27 -39.67
C VAL A 75 -3.19 19.61 -39.76
N SER A 76 -4.40 19.64 -39.21
CA SER A 76 -5.23 20.84 -39.21
C SER A 76 -4.51 21.97 -38.51
N PHE A 77 -4.02 21.70 -37.31
CA PHE A 77 -3.43 22.74 -36.48
C PHE A 77 -2.25 23.41 -37.18
N THR A 78 -1.40 22.60 -37.79
CA THR A 78 -0.24 23.06 -38.55
C THR A 78 -0.65 24.03 -39.65
N ARG A 79 -1.67 23.62 -40.41
CA ARG A 79 -2.19 24.40 -41.55
C ARG A 79 -2.81 25.70 -41.02
N ASP A 80 -3.59 25.62 -39.93
CA ASP A 80 -4.23 26.81 -39.34
C ASP A 80 -3.24 27.87 -38.87
N ILE A 81 -2.20 27.47 -38.13
CA ILE A 81 -1.18 28.43 -37.68
C ILE A 81 -0.43 29.06 -38.87
N GLN A 82 0.01 28.21 -39.80
CA GLN A 82 0.75 28.65 -40.98
C GLN A 82 -0.02 29.65 -41.80
N GLU A 83 -1.30 29.36 -42.04
CA GLU A 83 -2.15 30.31 -42.74
C GLU A 83 -2.33 31.60 -41.92
N LEU A 84 -2.51 31.46 -40.61
CA LEU A 84 -2.72 32.60 -39.70
C LEU A 84 -1.57 33.59 -39.71
N VAL A 85 -0.34 33.09 -39.78
CA VAL A 85 0.84 33.93 -39.75
C VAL A 85 1.00 34.60 -41.12
N LYS A 86 0.79 33.84 -42.19
CA LYS A 86 0.78 34.37 -43.57
C LYS A 86 -0.12 35.59 -43.75
N MET A 87 -1.29 35.60 -43.09
CA MET A 87 -2.08 36.83 -42.97
C MET A 87 -1.52 37.61 -41.77
N MET A 88 -2.07 37.34 -40.59
CA MET A 88 -1.93 38.19 -39.40
C MET A 88 -0.89 37.68 -38.42
N ASP A 93 5.57 37.01 -37.76
CA ASP A 93 6.91 37.23 -37.20
C ASP A 93 7.56 35.94 -36.62
N TYR A 94 8.53 35.40 -37.35
CA TYR A 94 9.18 34.12 -37.07
C TYR A 94 10.38 34.21 -36.13
N PRO A 95 10.82 33.10 -35.55
CA PRO A 95 10.23 31.75 -35.47
C PRO A 95 9.09 31.71 -34.46
N ILE A 96 8.12 30.82 -34.67
CA ILE A 96 6.98 30.74 -33.81
C ILE A 96 7.06 29.49 -32.90
N GLU A 97 6.94 29.71 -31.60
CA GLU A 97 6.81 28.58 -30.65
C GLU A 97 5.43 28.59 -30.06
N ILE A 98 4.71 27.49 -30.21
CA ILE A 98 3.40 27.39 -29.59
C ILE A 98 3.35 26.15 -28.72
N GLN A 99 2.83 26.29 -27.50
CA GLN A 99 2.70 25.15 -26.59
C GLN A 99 1.28 25.04 -26.12
N LEU A 100 0.86 23.80 -25.90
CA LEU A 100 -0.45 23.49 -25.42
C LEU A 100 -0.33 22.50 -24.30
N SER A 101 -1.10 22.75 -23.25
CA SER A 101 -1.08 21.90 -22.11
C SER A 101 -2.53 21.61 -21.74
N ALA A 102 -2.99 20.41 -22.04
CA ALA A 102 -4.40 20.10 -21.82
C ALA A 102 -4.50 18.81 -21.03
N GLY A 103 -5.56 18.63 -20.28
CA GLY A 103 -5.77 17.37 -19.59
C GLY A 103 -6.76 17.54 -18.47
N CYS A 104 -6.61 16.72 -17.43
CA CYS A 104 -7.47 16.86 -16.29
C CYS A 104 -6.84 16.43 -14.94
N GLU A 105 -7.36 16.98 -13.85
CA GLU A 105 -6.89 16.69 -12.51
C GLU A 105 -7.96 15.83 -11.87
N MET A 106 -7.59 14.62 -11.46
CA MET A 106 -8.53 13.69 -10.84
C MET A 106 -8.63 13.90 -9.34
N TYR A 107 -9.80 13.62 -8.76
CA TYR A 107 -10.01 13.68 -7.31
C TYR A 107 -10.64 12.39 -6.76
N PRO A 108 -10.59 12.17 -5.41
CA PRO A 108 -10.93 10.82 -4.91
C PRO A 108 -12.42 10.42 -5.10
N GLY A 109 -13.18 11.24 -5.83
CA GLY A 109 -14.64 11.06 -5.99
C GLY A 109 -15.31 12.36 -6.41
N SER A 112 -13.44 15.50 -11.43
CA SER A 112 -12.15 15.94 -11.90
C SER A 112 -12.26 17.38 -12.42
N GLU A 113 -11.14 18.05 -12.66
CA GLU A 113 -11.18 19.34 -13.33
C GLU A 113 -10.30 19.25 -14.56
N SER A 114 -10.83 19.66 -15.70
CA SER A 114 -10.12 19.57 -16.95
C SER A 114 -9.55 20.92 -17.36
N PHE A 115 -8.54 20.94 -18.23
CA PHE A 115 -7.92 22.22 -18.62
C PHE A 115 -7.36 22.18 -20.03
N LEU A 116 -7.36 23.32 -20.71
CA LEU A 116 -6.63 23.44 -21.95
C LEU A 116 -6.01 24.85 -21.95
N HIS A 117 -4.69 24.92 -21.78
CA HIS A 117 -3.99 26.22 -21.77
C HIS A 117 -3.05 26.30 -22.98
N VAL A 118 -2.97 27.48 -23.58
CA VAL A 118 -2.13 27.68 -24.76
C VAL A 118 -1.14 28.81 -24.48
N ALA A 119 0.13 28.58 -24.80
CA ALA A 119 1.10 29.65 -24.77
C ALA A 119 1.69 29.87 -26.16
N PHE A 120 2.20 31.07 -26.36
CA PHE A 120 2.69 31.52 -27.64
C PHE A 120 3.95 32.32 -27.34
N GLN A 121 5.05 31.92 -27.97
CA GLN A 121 6.36 32.44 -27.66
C GLN A 121 6.64 32.32 -26.16
N GLY A 122 6.25 31.17 -25.59
CA GLY A 122 6.36 30.92 -24.14
C GLY A 122 5.55 31.81 -23.22
N LYS A 123 4.53 32.46 -23.74
CA LYS A 123 3.63 33.27 -22.92
C LYS A 123 2.20 32.74 -23.02
N TYR A 124 1.66 32.29 -21.88
CA TYR A 124 0.27 31.85 -21.71
C TYR A 124 -0.73 32.86 -22.26
N VAL A 125 -1.44 32.50 -23.33
CA VAL A 125 -2.29 33.47 -24.03
C VAL A 125 -3.76 33.09 -24.17
N VAL A 126 -4.06 31.80 -24.28
CA VAL A 126 -5.42 31.36 -24.63
C VAL A 126 -5.78 30.15 -23.80
N ARG A 127 -7.05 30.02 -23.46
CA ARG A 127 -7.55 28.82 -22.83
C ARG A 127 -8.90 28.39 -23.40
N PHE A 128 -9.22 27.11 -23.24
CA PHE A 128 -10.60 26.68 -23.40
C PHE A 128 -11.28 26.77 -22.04
N TRP A 129 -12.50 27.28 -22.04
CA TRP A 129 -13.20 27.57 -20.81
C TRP A 129 -14.71 27.35 -20.98
N GLY A 130 -15.20 26.21 -20.51
CA GLY A 130 -16.62 25.87 -20.56
C GLY A 130 -17.03 25.41 -21.95
N THR A 131 -17.26 26.37 -22.83
CA THR A 131 -17.76 26.09 -24.17
C THR A 131 -17.05 26.92 -25.26
N SER A 132 -16.01 27.68 -24.91
CA SER A 132 -15.34 28.54 -25.87
C SER A 132 -13.90 28.89 -25.50
N TRP A 133 -13.20 29.51 -26.46
CA TRP A 133 -11.81 29.86 -26.32
C TRP A 133 -11.77 31.24 -25.80
N GLN A 134 -10.87 31.51 -24.89
CA GLN A 134 -10.69 32.86 -24.40
C GLN A 134 -9.24 33.30 -24.52
N THR A 135 -9.04 34.54 -24.91
CA THR A 135 -7.72 35.13 -24.77
C THR A 135 -7.60 35.57 -23.32
N VAL A 136 -6.39 35.50 -22.79
CA VAL A 136 -6.15 35.62 -21.36
C VAL A 136 -5.61 37.03 -21.06
N PRO A 137 -5.87 37.57 -19.85
CA PRO A 137 -5.47 38.95 -19.56
C PRO A 137 -4.07 39.28 -20.12
N GLY A 138 -3.97 40.41 -20.82
CA GLY A 138 -2.73 40.81 -21.48
C GLY A 138 -2.15 39.81 -22.48
N ALA A 139 -3.01 39.23 -23.33
CA ALA A 139 -2.55 38.55 -24.54
C ALA A 139 -2.50 39.61 -25.68
N PRO A 140 -1.83 39.27 -26.81
CA PRO A 140 -1.78 40.23 -27.92
C PRO A 140 -3.20 40.48 -28.47
N SER A 141 -3.54 41.73 -28.77
CA SER A 141 -4.91 42.05 -29.13
C SER A 141 -5.31 41.41 -30.48
N TRP A 142 -4.35 41.30 -31.40
CA TRP A 142 -4.64 40.72 -32.70
C TRP A 142 -5.17 39.28 -32.56
N LEU A 143 -4.94 38.67 -31.41
CA LEU A 143 -5.42 37.31 -31.15
C LEU A 143 -6.93 37.19 -31.01
N ASP A 144 -7.61 38.30 -30.74
CA ASP A 144 -9.07 38.29 -30.54
C ASP A 144 -9.87 37.93 -31.79
N LEU A 145 -9.49 38.48 -32.95
CA LEU A 145 -10.12 38.13 -34.22
C LEU A 145 -10.09 36.61 -34.55
N PRO A 146 -8.90 36.00 -34.61
CA PRO A 146 -8.81 34.58 -34.93
C PRO A 146 -9.48 33.71 -33.89
N ILE A 147 -9.53 34.17 -32.66
CA ILE A 147 -10.17 33.43 -31.56
C ILE A 147 -11.70 33.51 -31.61
N LYS A 148 -12.22 34.65 -32.03
CA LYS A 148 -13.64 34.78 -32.26
C LYS A 148 -14.06 33.87 -33.40
N VAL A 149 -13.32 33.92 -34.51
CA VAL A 149 -13.61 33.11 -35.71
C VAL A 149 -13.56 31.61 -35.39
N LEU A 150 -12.67 31.26 -34.47
CA LEU A 150 -12.52 29.89 -34.00
C LEU A 150 -13.68 29.48 -33.09
N ASN A 151 -14.19 30.44 -32.33
CA ASN A 151 -15.38 30.19 -31.52
C ASN A 151 -16.63 29.94 -32.39
N ALA A 152 -16.59 30.39 -33.64
CA ALA A 152 -17.63 30.09 -34.61
C ALA A 152 -17.56 28.65 -35.13
N ASP A 153 -16.43 27.99 -34.93
CA ASP A 153 -16.31 26.59 -35.34
C ASP A 153 -17.00 25.67 -34.31
N GLN A 154 -18.31 25.45 -34.52
CA GLN A 154 -19.12 24.62 -33.63
C GLN A 154 -18.58 23.20 -33.45
N GLY A 155 -18.14 22.59 -34.54
CA GLY A 155 -17.66 21.21 -34.56
C GLY A 155 -16.46 21.03 -33.69
N THR A 156 -15.50 21.94 -33.83
CA THR A 156 -14.31 21.90 -32.99
C THR A 156 -14.69 22.11 -31.52
N SER A 157 -15.55 23.09 -31.26
CA SER A 157 -15.95 23.44 -29.92
C SER A 157 -16.62 22.28 -29.22
N ALA A 158 -17.40 21.51 -30.00
CA ALA A 158 -18.11 20.35 -29.49
C ALA A 158 -17.16 19.20 -29.18
N THR A 159 -16.22 18.94 -30.08
CA THR A 159 -15.23 17.91 -29.86
C THR A 159 -14.37 18.23 -28.65
N VAL A 160 -13.88 19.47 -28.58
CA VAL A 160 -13.04 19.89 -27.46
C VAL A 160 -13.77 19.68 -26.11
N GLN A 161 -15.05 20.06 -26.07
CA GLN A 161 -15.84 19.95 -24.86
C GLN A 161 -16.03 18.50 -24.41
N MET A 162 -16.13 17.61 -25.39
CA MET A 162 -16.30 16.23 -25.09
C MET A 162 -14.98 15.67 -24.58
N LEU A 163 -13.91 15.96 -25.32
CA LEU A 163 -12.57 15.57 -24.91
C LEU A 163 -12.31 15.91 -23.47
N LEU A 164 -12.49 17.19 -23.11
CA LEU A 164 -12.24 17.70 -21.75
C LEU A 164 -13.23 17.23 -20.70
N ASN A 165 -14.52 17.27 -21.00
CA ASN A 165 -15.54 16.94 -19.98
C ASN A 165 -15.69 15.46 -19.77
N ASP A 166 -15.58 14.69 -20.83
CA ASP A 166 -15.96 13.29 -20.78
C ASP A 166 -14.76 12.41 -21.02
N THR A 167 -14.04 12.65 -22.12
CA THR A 167 -13.01 11.72 -22.60
C THR A 167 -11.81 11.63 -21.68
N CYS A 168 -11.35 12.77 -21.21
CA CYS A 168 -10.22 12.82 -20.32
C CYS A 168 -10.48 12.05 -18.99
N PRO A 169 -11.52 12.41 -18.22
CA PRO A 169 -11.67 11.75 -16.91
C PRO A 169 -11.86 10.25 -17.03
N LEU A 170 -12.64 9.88 -18.03
CA LEU A 170 -12.98 8.50 -18.31
C LEU A 170 -11.76 7.73 -18.70
N PHE A 171 -10.92 8.32 -19.55
CA PHE A 171 -9.70 7.65 -20.04
C PHE A 171 -8.69 7.47 -18.92
N VAL A 172 -8.53 8.55 -18.14
CA VAL A 172 -7.61 8.54 -16.99
C VAL A 172 -8.06 7.54 -15.93
N ARG A 173 -9.35 7.44 -15.73
CA ARG A 173 -9.88 6.42 -14.83
C ARG A 173 -9.36 5.02 -15.24
N GLY A 174 -9.52 4.69 -16.51
CA GLY A 174 -8.96 3.47 -17.07
C GLY A 174 -7.45 3.36 -16.87
N LEU A 175 -6.72 4.43 -17.17
CA LEU A 175 -5.27 4.41 -16.94
C LEU A 175 -4.94 4.03 -15.50
N LEU A 176 -5.59 4.72 -14.55
CA LEU A 176 -5.37 4.49 -13.13
C LEU A 176 -5.59 3.03 -12.74
N GLU A 177 -6.67 2.44 -13.23
CA GLU A 177 -6.88 1.01 -13.02
C GLU A 177 -5.79 0.21 -13.75
N ALA A 178 -5.60 0.50 -15.04
CA ALA A 178 -4.65 -0.25 -15.88
C ALA A 178 -3.19 -0.17 -15.42
N GLY A 179 -2.73 0.99 -15.00
CA GLY A 179 -1.36 1.14 -14.50
C GLY A 179 -1.17 1.00 -13.00
N LYS A 180 -2.07 0.28 -12.33
CA LYS A 180 -2.08 0.18 -10.87
C LYS A 180 -0.69 -0.15 -10.31
N SER A 181 -0.09 -1.17 -10.88
CA SER A 181 1.15 -1.77 -10.42
C SER A 181 2.38 -0.90 -10.70
N ASP A 182 2.36 -0.13 -11.80
CA ASP A 182 3.38 0.89 -12.02
C ASP A 182 3.15 2.12 -11.10
N LEU A 183 1.90 2.59 -11.02
CA LEU A 183 1.60 3.81 -10.23
C LEU A 183 1.87 3.58 -8.74
N GLU A 184 1.73 2.35 -8.29
CA GLU A 184 1.91 2.07 -6.87
C GLU A 184 3.22 1.33 -6.53
N LYS A 185 4.14 1.22 -7.50
CA LYS A 185 5.45 0.64 -7.21
C LYS A 185 6.20 1.39 -6.11
N GLN A 186 6.98 0.64 -5.35
CA GLN A 186 7.88 1.20 -4.35
C GLN A 186 9.27 0.85 -4.77
N GLU A 187 10.11 1.88 -4.96
CA GLU A 187 11.53 1.69 -5.19
C GLU A 187 12.24 2.39 -4.05
N LYS A 188 13.17 1.69 -3.41
CA LYS A 188 13.80 2.21 -2.20
C LYS A 188 14.86 3.27 -2.50
N PRO A 189 14.92 4.32 -1.67
CA PRO A 189 16.03 5.24 -1.80
C PRO A 189 17.37 4.60 -1.38
N VAL A 190 18.45 5.09 -1.97
CA VAL A 190 19.79 4.88 -1.49
C VAL A 190 20.34 6.27 -1.15
N ALA A 191 21.09 6.39 -0.06
CA ALA A 191 21.56 7.71 0.43
C ALA A 191 23.08 7.71 0.55
N TRP A 192 23.69 8.85 0.23
CA TRP A 192 25.08 9.03 0.61
C TRP A 192 25.41 10.48 0.99
N LEU A 193 26.55 10.62 1.64
CA LEU A 193 26.99 11.90 2.22
C LEU A 193 28.18 12.51 1.52
N SER A 194 28.20 13.83 1.49
CA SER A 194 29.38 14.54 1.07
C SER A 194 29.35 15.88 1.80
N SER A 195 30.42 16.64 1.65
CA SER A 195 30.39 17.98 2.14
C SER A 195 31.12 18.85 1.13
N VAL A 196 30.99 20.15 1.30
CA VAL A 196 31.48 21.13 0.35
C VAL A 196 32.02 22.35 1.10
N PRO A 197 33.17 22.91 0.65
CA PRO A 197 33.70 24.14 1.25
C PRO A 197 32.77 25.34 1.06
N SER A 198 33.15 26.49 1.60
CA SER A 198 32.46 27.74 1.32
C SER A 198 33.48 28.85 1.09
N SER A 199 32.99 30.04 0.74
CA SER A 199 33.85 31.22 0.68
C SER A 199 34.42 31.53 2.09
N ALA A 200 33.69 31.15 3.13
CA ALA A 200 34.11 31.40 4.51
C ALA A 200 34.89 30.19 5.04
N HIS A 203 33.81 27.14 7.25
CA HIS A 203 32.39 26.86 7.09
C HIS A 203 32.09 25.91 5.95
N ARG A 204 31.36 24.85 6.27
CA ARG A 204 31.22 23.76 5.34
C ARG A 204 29.74 23.56 5.06
N GLN A 205 29.44 22.82 4.01
CA GLN A 205 28.07 22.42 3.76
C GLN A 205 27.92 20.92 3.61
N LEU A 206 27.16 20.33 4.52
CA LEU A 206 26.85 18.90 4.49
C LEU A 206 25.78 18.60 3.42
N VAL A 207 25.99 17.53 2.64
CA VAL A 207 25.08 17.17 1.58
C VAL A 207 24.64 15.72 1.74
N CYS A 208 23.34 15.50 1.73
CA CYS A 208 22.80 14.17 1.83
C CYS A 208 22.17 13.85 0.50
N HIS A 209 22.75 12.88 -0.20
CA HIS A 209 22.22 12.52 -1.50
C HIS A 209 21.27 11.35 -1.30
N VAL A 210 20.09 11.47 -1.89
CA VAL A 210 19.04 10.46 -1.78
C VAL A 210 18.57 10.10 -3.17
N SER A 211 18.77 8.85 -3.58
CA SER A 211 18.50 8.53 -4.98
C SER A 211 17.82 7.22 -5.17
N GLY A 212 16.85 7.21 -6.08
CA GLY A 212 16.33 5.96 -6.57
C GLY A 212 15.02 5.60 -5.93
N PHE A 213 14.43 6.56 -5.27
CA PHE A 213 13.15 6.35 -4.65
C PHE A 213 11.96 6.68 -5.55
N TYR A 214 10.92 5.90 -5.29
CA TYR A 214 9.61 6.04 -5.88
C TYR A 214 8.56 5.48 -4.90
N PRO A 215 7.41 6.17 -4.73
CA PRO A 215 6.97 7.42 -5.34
C PRO A 215 7.69 8.66 -4.82
N LYS A 216 7.37 9.80 -5.42
CA LYS A 216 8.07 11.05 -5.14
C LYS A 216 8.07 11.48 -3.66
N PRO A 217 6.91 11.47 -2.99
CA PRO A 217 6.98 12.01 -1.60
C PRO A 217 8.05 11.31 -0.74
N VAL A 218 8.81 12.09 0.03
CA VAL A 218 9.92 11.60 0.85
C VAL A 218 10.29 12.52 2.04
N TRP A 219 10.89 11.96 3.06
CA TRP A 219 11.27 12.77 4.18
C TRP A 219 12.78 12.64 4.37
N VAL A 220 13.47 13.79 4.44
CA VAL A 220 14.92 13.86 4.53
C VAL A 220 15.34 14.98 5.44
N MET A 221 16.06 14.63 6.48
CA MET A 221 16.42 15.61 7.49
C MET A 221 17.82 15.37 8.00
N TRP A 222 18.63 16.41 8.16
CA TRP A 222 19.78 16.29 9.04
C TRP A 222 19.34 16.28 10.53
N MET A 223 19.92 15.34 11.27
CA MET A 223 19.58 15.01 12.63
C MET A 223 20.82 15.07 13.52
N ARG A 224 20.63 15.52 14.77
CA ARG A 224 21.64 15.31 15.78
C ARG A 224 21.01 14.48 16.89
N GLY A 225 21.19 13.17 16.81
CA GLY A 225 20.45 12.27 17.67
C GLY A 225 19.03 12.34 17.19
N ASP A 226 18.10 12.59 18.11
CA ASP A 226 16.69 12.75 17.73
C ASP A 226 16.25 14.20 17.47
N GLN A 227 17.21 15.09 17.40
CA GLN A 227 16.93 16.50 17.26
C GLN A 227 17.09 16.87 15.80
N GLU A 228 15.98 17.31 15.22
CA GLU A 228 15.94 17.77 13.85
C GLU A 228 16.73 19.05 13.67
N GLN A 229 17.50 19.10 12.58
CA GLN A 229 18.24 20.32 12.28
C GLN A 229 17.37 21.05 11.28
N GLN A 230 16.45 21.85 11.80
CA GLN A 230 15.50 22.60 10.96
C GLN A 230 16.16 23.38 9.82
N GLY A 231 17.46 23.67 9.93
CA GLY A 231 18.24 24.29 8.86
C GLY A 231 18.36 23.43 7.60
N THR A 232 17.98 22.17 7.70
CA THR A 232 17.99 21.27 6.53
C THR A 232 17.28 21.91 5.34
N HIS A 233 17.98 22.02 4.24
CA HIS A 233 17.44 22.65 3.06
C HIS A 233 17.28 21.61 2.00
N ARG A 234 16.06 21.41 1.52
CA ARG A 234 15.83 20.34 0.53
C ARG A 234 15.96 20.97 -0.85
N GLY A 235 16.76 20.35 -1.72
CA GLY A 235 16.90 20.86 -3.09
C GLY A 235 15.70 20.46 -3.92
N ASP A 236 15.76 20.72 -5.22
CA ASP A 236 14.73 20.25 -6.14
C ASP A 236 14.77 18.73 -6.34
N PHE A 237 13.61 18.14 -6.63
CA PHE A 237 13.56 16.75 -7.02
C PHE A 237 14.03 16.67 -8.49
N LEU A 238 15.11 15.93 -8.69
CA LEU A 238 15.70 15.73 -10.01
C LEU A 238 15.42 14.32 -10.45
N PRO A 239 14.94 14.17 -11.69
CA PRO A 239 14.54 12.84 -12.12
C PRO A 239 15.71 11.95 -12.53
N ASN A 240 15.63 10.68 -12.16
CA ASN A 240 16.52 9.68 -12.71
C ASN A 240 15.96 9.16 -14.02
N ALA A 241 16.72 8.33 -14.71
CA ALA A 241 16.34 7.91 -16.08
C ALA A 241 15.52 6.61 -16.05
N ASP A 242 15.33 6.08 -14.83
CA ASP A 242 14.62 4.84 -14.57
C ASP A 242 13.34 5.09 -13.77
N GLU A 243 12.87 6.34 -13.81
CA GLU A 243 11.63 6.72 -13.19
C GLU A 243 11.75 6.55 -11.70
N THR A 244 12.81 7.14 -11.17
CA THR A 244 13.00 7.29 -9.76
C THR A 244 13.55 8.69 -9.65
N TRP A 245 13.63 9.15 -8.41
CA TRP A 245 13.90 10.50 -8.08
C TRP A 245 15.22 10.64 -7.34
N TYR A 246 15.94 11.71 -7.67
CA TYR A 246 17.12 12.15 -6.95
C TYR A 246 16.81 13.45 -6.15
N LEU A 247 17.36 13.57 -4.94
CA LEU A 247 17.18 14.74 -4.07
C LEU A 247 18.32 14.93 -3.07
N GLN A 248 18.86 16.12 -2.97
CA GLN A 248 19.81 16.44 -1.91
C GLN A 248 19.11 17.21 -0.80
N ALA A 249 19.55 16.98 0.43
CA ALA A 249 19.17 17.79 1.55
C ALA A 249 20.50 18.22 2.14
N THR A 250 20.64 19.53 2.34
CA THR A 250 21.91 20.10 2.70
C THR A 250 21.80 20.90 4.02
N LEU A 251 22.95 21.14 4.66
CA LEU A 251 23.06 21.78 5.96
C LEU A 251 24.40 22.52 6.08
N ASP A 252 24.33 23.82 6.22
CA ASP A 252 25.53 24.58 6.57
C ASP A 252 25.97 24.28 8.00
N VAL A 253 27.28 24.08 8.16
CA VAL A 253 27.86 23.78 9.44
C VAL A 253 29.15 24.55 9.56
N GLU A 254 29.57 24.72 10.80
CA GLU A 254 30.90 25.20 11.09
C GLU A 254 31.84 24.02 11.19
N ALA A 255 33.10 24.23 10.82
CA ALA A 255 34.10 23.21 11.09
C ALA A 255 33.91 22.77 12.54
N GLY A 256 33.88 21.46 12.76
CA GLY A 256 33.73 20.93 14.11
C GLY A 256 32.32 20.43 14.31
N GLU A 257 31.38 21.14 13.71
CA GLU A 257 29.97 20.90 13.94
C GLU A 257 29.43 19.61 13.32
N GLU A 258 30.17 19.04 12.36
CA GLU A 258 29.72 17.86 11.60
C GLU A 258 29.58 16.63 12.48
N ALA A 259 30.55 16.47 13.38
CA ALA A 259 30.66 15.35 14.27
C ALA A 259 29.33 15.17 14.99
N GLY A 260 28.70 14.00 14.86
CA GLY A 260 27.43 13.73 15.54
C GLY A 260 26.21 14.00 14.66
N LEU A 261 26.40 14.63 13.52
CA LEU A 261 25.27 14.81 12.66
C LEU A 261 25.01 13.57 11.80
N ALA A 262 23.74 13.38 11.42
CA ALA A 262 23.32 12.26 10.59
C ALA A 262 22.24 12.74 9.63
N CYS A 263 22.21 12.10 8.47
CA CYS A 263 21.13 12.26 7.55
C CYS A 263 20.10 11.13 7.80
N ARG A 264 18.84 11.49 7.98
CA ARG A 264 17.80 10.51 8.13
C ARG A 264 16.83 10.65 6.97
N VAL A 265 16.54 9.54 6.30
CA VAL A 265 15.57 9.49 5.23
C VAL A 265 14.42 8.55 5.63
N LYS A 266 13.18 9.02 5.53
CA LYS A 266 12.01 8.16 5.65
C LYS A 266 11.31 8.12 4.31
N HIS A 267 10.84 6.94 3.92
CA HIS A 267 10.14 6.77 2.67
C HIS A 267 9.23 5.54 2.73
N SER A 268 8.10 5.62 2.03
CA SER A 268 7.08 4.58 2.10
C SER A 268 7.64 3.22 1.70
N SER A 269 8.68 3.23 0.85
CA SER A 269 9.30 2.00 0.38
C SER A 269 10.08 1.26 1.50
N LEU A 270 10.51 1.99 2.53
CA LEU A 270 11.37 1.43 3.59
C LEU A 270 10.71 0.62 4.71
N GLY A 271 9.38 0.61 4.76
CA GLY A 271 8.66 -0.18 5.74
C GLY A 271 8.94 0.32 7.14
N GLY A 272 9.15 1.64 7.27
CA GLY A 272 9.47 2.23 8.56
C GLY A 272 10.88 1.98 9.07
N GLN A 273 11.78 1.50 8.23
CA GLN A 273 13.18 1.41 8.59
C GLN A 273 13.93 2.54 7.91
N ASP A 274 14.02 3.67 8.60
CA ASP A 274 14.63 4.87 8.07
C ASP A 274 16.09 4.64 7.76
N ILE A 275 16.59 5.28 6.73
CA ILE A 275 18.01 5.29 6.50
C ILE A 275 18.58 6.29 7.49
N ILE A 276 19.62 5.89 8.19
CA ILE A 276 20.35 6.84 9.01
C ILE A 276 21.82 6.77 8.65
N LEU A 277 22.39 7.90 8.23
CA LEU A 277 23.83 7.90 7.94
C LEU A 277 24.53 8.93 8.77
N TYR A 278 25.38 8.49 9.67
CA TYR A 278 26.14 9.43 10.47
C TYR A 278 27.41 9.88 9.79
N TRP A 279 27.58 11.19 9.74
CA TRP A 279 28.82 11.74 9.18
C TRP A 279 30.07 11.19 9.92
N GLN B 2 13.49 34.74 -24.59
CA GLN B 2 14.54 33.68 -24.50
C GLN B 2 14.90 33.37 -23.05
N LYS B 3 14.85 32.09 -22.67
CA LYS B 3 15.19 31.67 -21.30
C LYS B 3 16.46 30.80 -21.24
N THR B 4 17.39 31.16 -20.35
CA THR B 4 18.69 30.49 -20.22
C THR B 4 18.64 29.15 -19.49
N PRO B 5 19.20 28.10 -20.13
CA PRO B 5 19.26 26.73 -19.60
C PRO B 5 20.02 26.59 -18.28
N GLN B 6 19.45 25.81 -17.38
CA GLN B 6 20.15 25.45 -16.15
C GLN B 6 20.53 24.00 -16.28
N ILE B 7 21.77 23.68 -15.86
CA ILE B 7 22.32 22.34 -16.03
C ILE B 7 22.67 21.79 -14.65
N GLN B 8 22.12 20.62 -14.32
CA GLN B 8 22.48 19.91 -13.10
C GLN B 8 22.94 18.52 -13.49
N VAL B 9 24.09 18.12 -12.95
CA VAL B 9 24.72 16.86 -13.31
C VAL B 9 24.87 16.06 -12.04
N TYR B 10 24.31 14.86 -12.01
CA TYR B 10 24.32 14.04 -10.79
C TYR B 10 24.34 12.60 -11.19
N SER B 11 24.80 11.74 -10.29
CA SER B 11 24.87 10.31 -10.62
C SER B 11 23.69 9.57 -10.07
N ARG B 12 23.39 8.45 -10.69
CA ARG B 12 22.27 7.64 -10.30
C ARG B 12 22.50 6.92 -8.96
N HIS B 13 23.68 6.33 -8.83
CA HIS B 13 24.12 5.55 -7.67
C HIS B 13 25.22 6.29 -6.89
N PRO B 14 25.49 5.88 -5.62
CA PRO B 14 26.59 6.47 -4.82
C PRO B 14 27.86 6.33 -5.62
N PRO B 15 28.56 7.45 -5.91
CA PRO B 15 29.73 7.33 -6.78
C PRO B 15 30.82 6.57 -6.04
N GLU B 16 31.46 5.64 -6.72
CA GLU B 16 32.50 4.83 -6.11
C GLU B 16 33.50 4.56 -7.16
N ASN B 17 34.73 5.03 -6.93
CA ASN B 17 35.77 4.95 -7.94
C ASN B 17 35.95 3.53 -8.46
N GLY B 18 35.89 3.39 -9.78
CA GLY B 18 36.03 2.09 -10.42
C GLY B 18 34.72 1.37 -10.72
N LYS B 19 33.61 1.82 -10.11
CA LYS B 19 32.32 1.11 -10.23
C LYS B 19 31.40 1.71 -11.28
N PRO B 20 31.07 0.92 -12.34
CA PRO B 20 30.10 1.37 -13.34
C PRO B 20 28.88 2.03 -12.67
N ASN B 21 28.55 3.24 -13.09
CA ASN B 21 27.41 3.99 -12.58
C ASN B 21 26.67 4.59 -13.79
N ILE B 22 25.78 5.54 -13.52
CA ILE B 22 25.08 6.30 -14.54
C ILE B 22 25.08 7.79 -14.20
N LEU B 23 25.52 8.60 -15.17
CA LEU B 23 25.61 10.03 -15.01
C LEU B 23 24.43 10.72 -15.68
N ASN B 24 23.74 11.54 -14.88
CA ASN B 24 22.59 12.29 -15.32
C ASN B 24 22.95 13.73 -15.53
N CYS B 25 22.47 14.24 -16.66
CA CYS B 25 22.53 15.65 -16.96
C CYS B 25 21.09 16.14 -17.21
N TYR B 26 20.59 16.93 -16.27
CA TYR B 26 19.23 17.46 -16.31
C TYR B 26 19.26 18.94 -16.67
N VAL B 27 18.77 19.27 -17.87
CA VAL B 27 18.76 20.65 -18.37
C VAL B 27 17.33 21.17 -18.28
N THR B 28 17.15 22.31 -17.58
CA THR B 28 15.83 22.87 -17.34
C THR B 28 15.80 24.35 -17.65
N GLN B 29 14.59 24.90 -17.61
CA GLN B 29 14.34 26.35 -17.62
C GLN B 29 14.68 27.14 -18.89
N PHE B 30 14.73 26.46 -20.02
CA PHE B 30 15.14 27.13 -21.25
C PHE B 30 13.97 27.32 -22.21
N HIS B 31 14.22 28.16 -23.21
CA HIS B 31 13.24 28.51 -24.21
C HIS B 31 13.95 29.40 -25.24
N PRO B 32 13.76 29.14 -26.55
CA PRO B 32 12.86 28.15 -27.17
C PRO B 32 13.38 26.72 -26.98
N PRO B 33 12.63 25.71 -27.44
CA PRO B 33 13.01 24.33 -27.09
C PRO B 33 14.24 23.77 -27.82
N HIS B 34 14.79 24.52 -28.75
CA HIS B 34 15.90 24.02 -29.53
C HIS B 34 17.19 24.11 -28.74
N ILE B 35 17.91 22.99 -28.69
CA ILE B 35 19.01 22.84 -27.78
C ILE B 35 19.93 21.71 -28.22
N GLU B 36 21.19 21.80 -27.80
CA GLU B 36 22.18 20.78 -28.10
C GLU B 36 22.87 20.40 -26.79
N ILE B 37 22.89 19.10 -26.48
CA ILE B 37 23.44 18.62 -25.23
C ILE B 37 24.48 17.55 -25.52
N GLN B 38 25.69 17.79 -25.04
CA GLN B 38 26.75 16.80 -25.10
C GLN B 38 27.16 16.50 -23.68
N MET B 39 27.39 15.21 -23.41
CA MET B 39 28.03 14.79 -22.19
C MET B 39 29.50 14.46 -22.50
N LEU B 40 30.39 14.94 -21.64
CA LEU B 40 31.82 14.84 -21.94
C LEU B 40 32.63 14.09 -20.91
N LYS B 41 33.55 13.30 -21.40
CA LYS B 41 34.56 12.67 -20.55
C LYS B 41 35.94 13.21 -20.92
N ASN B 42 36.67 13.73 -19.93
CA ASN B 42 37.93 14.42 -20.18
C ASN B 42 37.85 15.35 -21.37
N GLY B 43 36.79 16.16 -21.40
CA GLY B 43 36.53 17.13 -22.48
C GLY B 43 36.20 16.54 -23.85
N LYS B 44 36.05 15.22 -23.92
CA LYS B 44 35.68 14.56 -25.18
C LYS B 44 34.25 14.00 -25.20
N LYS B 45 33.63 14.08 -26.37
CA LYS B 45 32.22 13.75 -26.57
C LYS B 45 31.98 12.28 -26.27
N ILE B 46 31.04 11.97 -25.39
CA ILE B 46 30.68 10.58 -25.12
C ILE B 46 29.69 10.18 -26.19
N PRO B 47 29.87 8.98 -26.79
CA PRO B 47 29.02 8.61 -27.96
C PRO B 47 27.62 8.08 -27.65
N LYS B 48 27.44 7.27 -26.61
CA LYS B 48 26.14 6.58 -26.47
C LYS B 48 25.18 7.24 -25.48
N VAL B 49 25.06 8.57 -25.57
CA VAL B 49 24.19 9.34 -24.67
C VAL B 49 22.70 9.23 -25.01
N GLU B 50 21.91 8.73 -24.08
CA GLU B 50 20.48 8.65 -24.28
C GLU B 50 19.82 9.90 -23.69
N MET B 51 18.70 10.30 -24.29
CA MET B 51 17.95 11.48 -23.86
C MET B 51 16.47 11.15 -23.71
N SER B 52 15.82 11.80 -22.74
CA SER B 52 14.39 11.74 -22.63
C SER B 52 13.76 12.59 -23.72
N ASP B 53 12.46 12.44 -23.93
CA ASP B 53 11.71 13.36 -24.76
C ASP B 53 11.66 14.73 -24.10
N MET B 54 11.70 15.77 -24.91
CA MET B 54 11.56 17.13 -24.44
C MET B 54 10.16 17.29 -23.83
N SER B 55 10.10 17.95 -22.68
CA SER B 55 8.83 18.19 -22.01
C SER B 55 8.86 19.63 -21.52
N PHE B 56 7.80 20.10 -20.86
CA PHE B 56 7.86 21.45 -20.23
C PHE B 56 7.06 21.53 -18.91
N SER B 57 7.33 22.56 -18.13
CA SER B 57 6.72 22.75 -16.80
C SER B 57 5.54 23.67 -16.83
N LYS B 58 4.86 23.80 -15.68
CA LYS B 58 3.85 24.84 -15.43
C LYS B 58 4.27 26.23 -15.92
N ASP B 59 5.53 26.62 -15.77
CA ASP B 59 5.97 27.93 -16.24
C ASP B 59 6.25 27.96 -17.75
N TRP B 60 5.92 26.88 -18.45
CA TRP B 60 6.10 26.77 -19.92
C TRP B 60 7.52 26.53 -20.37
N SER B 61 8.47 26.57 -19.44
CA SER B 61 9.88 26.43 -19.82
C SER B 61 10.22 24.95 -19.98
N PHE B 62 11.13 24.67 -20.89
CA PHE B 62 11.40 23.31 -21.29
C PHE B 62 12.42 22.64 -20.38
N TYR B 63 12.38 21.31 -20.38
CA TYR B 63 13.38 20.53 -19.71
C TYR B 63 13.56 19.22 -20.44
N ILE B 64 14.72 18.62 -20.20
CA ILE B 64 15.09 17.37 -20.80
C ILE B 64 16.13 16.68 -19.91
N LEU B 65 16.15 15.35 -19.96
CA LEU B 65 17.14 14.59 -19.21
C LEU B 65 18.06 13.89 -20.20
N ALA B 66 19.35 14.13 -20.05
CA ALA B 66 20.38 13.39 -20.72
C ALA B 66 21.03 12.44 -19.69
N HIS B 67 21.42 11.25 -20.16
CA HIS B 67 22.12 10.35 -19.30
C HIS B 67 23.00 9.37 -20.08
N THR B 68 24.08 8.97 -19.42
CA THR B 68 25.03 8.05 -19.98
C THR B 68 25.68 7.20 -18.88
N GLU B 69 26.09 5.99 -19.28
CA GLU B 69 26.94 5.12 -18.47
C GLU B 69 28.30 5.74 -18.28
N PHE B 70 28.79 5.70 -17.05
CA PHE B 70 30.14 6.10 -16.75
C PHE B 70 30.70 5.38 -15.54
N THR B 71 32.01 5.55 -15.34
CA THR B 71 32.70 4.98 -14.22
C THR B 71 33.50 6.11 -13.59
N PRO B 72 33.08 6.57 -12.40
CA PRO B 72 33.91 7.55 -11.66
C PRO B 72 35.27 6.97 -11.31
N THR B 73 36.29 7.81 -11.46
CA THR B 73 37.68 7.44 -11.20
C THR B 73 38.33 8.61 -10.52
N GLU B 74 39.58 8.43 -10.14
CA GLU B 74 40.33 9.48 -9.51
C GLU B 74 40.98 10.41 -10.54
N THR B 75 40.85 10.09 -11.83
CA THR B 75 41.50 10.90 -12.87
C THR B 75 40.60 11.43 -13.99
N ASP B 76 39.38 10.94 -14.13
CA ASP B 76 38.51 11.36 -15.23
C ASP B 76 37.54 12.46 -14.84
N THR B 77 37.43 13.46 -15.72
CA THR B 77 36.44 14.52 -15.58
C THR B 77 35.20 14.23 -16.46
N TYR B 78 34.04 14.50 -15.89
CA TYR B 78 32.80 14.35 -16.59
C TYR B 78 32.07 15.69 -16.63
N ALA B 79 31.44 15.96 -17.78
CA ALA B 79 30.87 17.26 -17.99
C ALA B 79 29.63 17.19 -18.84
N CYS B 80 28.75 18.16 -18.63
CA CYS B 80 27.61 18.33 -19.51
C CYS B 80 27.68 19.71 -20.18
N ARG B 81 27.74 19.71 -21.50
CA ARG B 81 27.82 20.94 -22.26
C ARG B 81 26.55 21.15 -23.06
N VAL B 82 26.06 22.37 -22.96
CA VAL B 82 24.79 22.76 -23.52
C VAL B 82 24.99 23.96 -24.46
N LYS B 83 24.47 23.84 -25.68
CA LYS B 83 24.43 24.95 -26.65
C LYS B 83 22.96 25.38 -26.81
N HIS B 84 22.70 26.68 -26.62
CA HIS B 84 21.34 27.22 -26.70
C HIS B 84 21.32 28.67 -27.16
N ALA B 85 20.34 29.04 -27.96
CA ALA B 85 20.32 30.38 -28.57
C ALA B 85 20.41 31.54 -27.56
N SER B 86 20.03 31.31 -26.32
CA SER B 86 20.07 32.34 -25.28
C SER B 86 21.48 32.70 -24.79
N MET B 87 22.49 31.95 -25.23
CA MET B 87 23.89 32.12 -24.82
C MET B 87 24.79 32.20 -26.05
N ALA B 88 25.77 33.09 -26.05
CA ALA B 88 26.66 33.18 -27.19
C ALA B 88 27.62 32.00 -27.21
N GLU B 89 27.85 31.43 -26.03
CA GLU B 89 28.81 30.36 -25.86
C GLU B 89 28.16 29.16 -25.21
N PRO B 90 28.49 27.95 -25.69
CA PRO B 90 28.13 26.71 -25.02
C PRO B 90 28.48 26.71 -23.53
N LYS B 91 27.54 26.33 -22.68
CA LYS B 91 27.83 26.24 -21.26
C LYS B 91 28.16 24.83 -20.85
N THR B 92 29.29 24.69 -20.16
CA THR B 92 29.70 23.42 -19.61
C THR B 92 29.63 23.43 -18.08
N VAL B 93 28.98 22.43 -17.52
CA VAL B 93 28.98 22.17 -16.08
C VAL B 93 29.64 20.83 -15.85
N TYR B 94 30.71 20.80 -15.05
CA TYR B 94 31.41 19.55 -14.69
C TYR B 94 30.74 18.88 -13.52
N TRP B 95 30.55 17.57 -13.63
CA TRP B 95 30.11 16.78 -12.50
C TRP B 95 31.07 16.91 -11.35
N ASP B 96 30.55 17.14 -10.17
CA ASP B 96 31.36 17.16 -8.99
C ASP B 96 30.61 16.35 -7.94
N ARG B 97 31.15 15.18 -7.59
CA ARG B 97 30.49 14.29 -6.62
C ARG B 97 30.26 14.86 -5.21
N ASP B 98 31.03 15.88 -4.82
CA ASP B 98 30.86 16.54 -3.52
C ASP B 98 29.51 17.27 -3.58
N MET B 99 29.19 17.67 -4.82
CA MET B 99 27.90 18.19 -5.33
C MET B 99 27.37 19.50 -4.82
N ASN C 7 2.83 -2.56 15.33
CA ASN C 7 1.90 -2.88 14.21
C ASN C 7 1.59 -4.37 14.00
N TYR C 8 2.48 -5.27 14.43
CA TYR C 8 2.19 -6.71 14.28
C TYR C 8 2.42 -7.54 15.52
N THR C 9 1.49 -8.46 15.80
CA THR C 9 1.64 -9.41 16.90
C THR C 9 1.73 -10.78 16.31
N PHE C 10 2.75 -11.53 16.75
CA PHE C 10 3.00 -12.91 16.36
C PHE C 10 2.72 -13.83 17.57
N ARG C 11 1.77 -14.76 17.43
CA ARG C 11 1.32 -15.59 18.56
C ARG C 11 1.36 -17.07 18.24
N CYS C 12 2.11 -17.84 19.04
CA CYS C 12 2.02 -19.30 19.06
C CYS C 12 1.14 -19.70 20.21
N LEU C 13 0.09 -20.43 19.85
CA LEU C 13 -0.92 -20.85 20.80
C LEU C 13 -0.88 -22.35 20.95
N GLN C 14 -0.59 -22.76 22.16
CA GLN C 14 -0.57 -24.17 22.52
C GLN C 14 -1.78 -24.53 23.35
N MET C 15 -2.44 -25.60 22.91
CA MET C 15 -3.55 -26.18 23.64
C MET C 15 -3.19 -27.61 23.96
N SER C 16 -3.15 -27.93 25.25
CA SER C 16 -2.87 -29.29 25.72
C SER C 16 -3.98 -29.73 26.64
N SER C 17 -4.52 -30.92 26.36
CA SER C 17 -5.61 -31.51 27.13
C SER C 17 -5.12 -32.77 27.79
N PHE C 18 -5.50 -32.96 29.05
CA PHE C 18 -5.12 -34.15 29.78
C PHE C 18 -6.35 -34.80 30.37
N ALA C 19 -6.79 -35.90 29.78
CA ALA C 19 -8.07 -36.50 30.16
C ALA C 19 -7.92 -37.40 31.40
N ASN C 20 -6.92 -38.28 31.34
CA ASN C 20 -6.55 -39.16 32.43
C ASN C 20 -5.03 -39.41 32.35
N ARG C 21 -4.55 -40.46 33.01
CA ARG C 21 -3.13 -40.78 32.96
C ARG C 21 -2.66 -41.23 31.60
N SER C 22 -3.57 -41.84 30.83
CA SER C 22 -3.23 -42.44 29.56
C SER C 22 -3.70 -41.67 28.31
N TRP C 23 -4.43 -40.59 28.51
CA TRP C 23 -4.96 -39.82 27.38
C TRP C 23 -4.56 -38.39 27.51
N SER C 24 -3.94 -37.87 26.45
CA SER C 24 -3.68 -36.45 26.35
C SER C 24 -3.36 -36.06 24.92
N ARG C 25 -3.50 -34.77 24.64
CA ARG C 25 -3.15 -34.31 23.32
C ARG C 25 -2.64 -32.91 23.37
N THR C 26 -1.86 -32.54 22.37
CA THR C 26 -1.37 -31.18 22.25
C THR C 26 -1.47 -30.76 20.80
N ASP C 27 -2.13 -29.63 20.61
CA ASP C 27 -2.24 -28.99 19.33
C ASP C 27 -1.90 -27.55 19.56
N SER C 28 -1.28 -26.97 18.54
CA SER C 28 -0.94 -25.56 18.53
C SER C 28 -1.17 -24.96 17.14
N VAL C 29 -1.44 -23.67 17.16
CA VAL C 29 -1.58 -22.85 15.97
C VAL C 29 -0.69 -21.62 16.17
N VAL C 30 -0.29 -21.00 15.06
CA VAL C 30 0.52 -19.79 15.07
C VAL C 30 -0.11 -18.73 14.17
N TRP C 31 -0.16 -17.51 14.67
CA TRP C 31 -0.79 -16.42 13.98
C TRP C 31 0.24 -15.32 13.83
N LEU C 32 0.23 -14.66 12.68
CA LEU C 32 0.89 -13.38 12.50
C LEU C 32 -0.21 -12.44 12.09
N GLY C 33 -0.50 -11.45 12.93
CA GLY C 33 -1.69 -10.63 12.81
C GLY C 33 -2.88 -11.57 12.77
N ASP C 34 -3.74 -11.40 11.78
CA ASP C 34 -4.94 -12.21 11.64
C ASP C 34 -4.74 -13.32 10.59
N LEU C 35 -3.50 -13.73 10.40
CA LEU C 35 -3.20 -14.71 9.38
C LEU C 35 -2.48 -15.90 9.99
N GLN C 36 -3.13 -17.05 9.96
CA GLN C 36 -2.52 -18.24 10.50
C GLN C 36 -1.31 -18.62 9.65
N THR C 37 -0.18 -18.92 10.31
CA THR C 37 1.05 -19.29 9.59
C THR C 37 1.45 -20.76 9.80
N HIS C 38 1.05 -21.32 10.94
CA HIS C 38 1.37 -22.73 11.23
C HIS C 38 0.26 -23.42 11.98
N ARG C 39 0.30 -24.74 11.89
CA ARG C 39 -0.50 -25.65 12.70
C ARG C 39 0.38 -26.82 13.05
N TRP C 40 0.21 -27.31 14.27
CA TRP C 40 0.86 -28.55 14.69
C TRP C 40 -0.14 -29.45 15.38
N SER C 41 -0.69 -30.38 14.63
CA SER C 41 -1.67 -31.31 15.15
C SER C 41 -0.97 -32.33 16.02
N ASN C 42 -1.67 -32.83 17.05
CA ASN C 42 -1.13 -33.85 17.94
C ASN C 42 -0.62 -35.07 17.20
N ASP C 43 -1.33 -35.43 16.13
CA ASP C 43 -1.03 -36.65 15.44
C ASP C 43 -0.03 -36.41 14.30
N SER C 44 0.64 -35.25 14.35
CA SER C 44 1.69 -34.92 13.42
C SER C 44 3.05 -34.84 14.13
N ALA C 45 4.03 -35.50 13.51
CA ALA C 45 5.41 -35.45 13.99
C ALA C 45 6.02 -34.08 13.76
N THR C 46 5.53 -33.37 12.75
CA THR C 46 6.18 -32.16 12.32
C THR C 46 5.16 -31.03 12.25
N ILE C 47 5.69 -29.81 12.17
CA ILE C 47 4.95 -28.56 12.18
C ILE C 47 4.53 -28.25 10.76
N SER C 48 3.29 -27.82 10.58
CA SER C 48 2.77 -27.60 9.24
C SER C 48 2.69 -26.12 8.90
N PHE C 49 3.14 -25.78 7.70
CA PHE C 49 3.06 -24.42 7.19
C PHE C 49 1.66 -24.19 6.62
N THR C 50 1.01 -23.11 7.01
CA THR C 50 -0.26 -22.77 6.43
C THR C 50 -0.09 -21.53 5.52
N LYS C 51 1.15 -21.15 5.27
CA LYS C 51 1.43 -20.17 4.24
C LYS C 51 2.63 -20.67 3.42
N PRO C 52 2.75 -20.23 2.16
CA PRO C 52 3.93 -20.48 1.33
C PRO C 52 5.19 -19.93 1.99
N TRP C 53 5.03 -18.96 2.89
CA TRP C 53 6.17 -18.21 3.40
C TRP C 53 6.31 -18.40 4.92
N SER C 54 5.68 -19.46 5.42
CA SER C 54 5.71 -19.81 6.86
C SER C 54 7.10 -20.17 7.43
N GLN C 55 8.06 -20.41 6.57
CA GLN C 55 9.45 -20.63 7.04
C GLN C 55 10.19 -19.31 7.28
N GLY C 56 9.64 -18.21 6.77
CA GLY C 56 10.31 -16.93 6.82
C GLY C 56 11.56 -16.94 5.98
N LYS C 57 12.62 -16.35 6.56
CA LYS C 57 13.94 -16.27 5.94
C LYS C 57 14.87 -17.36 6.50
N LEU C 58 14.36 -18.18 7.41
CA LEU C 58 15.12 -19.29 8.00
C LEU C 58 15.53 -20.30 6.94
N SER C 59 16.76 -20.81 7.06
CA SER C 59 17.23 -21.89 6.19
C SER C 59 16.57 -23.21 6.57
N ASN C 60 16.57 -24.15 5.64
CA ASN C 60 16.07 -25.51 5.90
C ASN C 60 16.70 -26.14 7.14
N GLN C 61 18.01 -25.93 7.29
CA GLN C 61 18.72 -26.41 8.47
C GLN C 61 18.25 -25.70 9.74
N GLN C 62 18.11 -24.38 9.69
CA GLN C 62 17.66 -23.65 10.88
C GLN C 62 16.25 -24.06 11.25
N TRP C 63 15.39 -24.23 10.24
CA TRP C 63 14.05 -24.72 10.48
C TRP C 63 14.04 -26.14 11.11
N GLU C 64 14.77 -27.08 10.49
CA GLU C 64 14.85 -28.44 11.04
C GLU C 64 15.28 -28.45 12.51
N LYS C 65 16.32 -27.69 12.83
CA LYS C 65 16.85 -27.58 14.17
C LYS C 65 15.82 -27.02 15.13
N LEU C 66 15.16 -25.96 14.68
CA LEU C 66 14.11 -25.31 15.45
C LEU C 66 12.91 -26.25 15.72
N GLN C 67 12.55 -27.02 14.71
CA GLN C 67 11.47 -27.98 14.83
C GLN C 67 11.85 -29.19 15.73
N HIS C 68 13.10 -29.59 15.64
CA HIS C 68 13.59 -30.62 16.53
C HIS C 68 13.42 -30.17 17.98
N MET C 69 13.93 -28.98 18.25
CA MET C 69 13.77 -28.37 19.54
C MET C 69 12.30 -28.47 19.99
N PHE C 70 11.35 -28.17 19.09
CA PHE C 70 9.94 -28.14 19.49
C PHE C 70 9.39 -29.52 19.71
N GLN C 71 9.92 -30.45 18.93
CA GLN C 71 9.61 -31.83 19.07
C GLN C 71 10.02 -32.33 20.45
N VAL C 72 11.19 -31.92 20.94
CA VAL C 72 11.66 -32.37 22.24
C VAL C 72 10.78 -31.76 23.31
N TYR C 73 10.54 -30.45 23.17
CA TYR C 73 9.66 -29.73 24.06
C TYR C 73 8.25 -30.34 24.12
N ARG C 74 7.70 -30.75 22.97
CA ARG C 74 6.34 -31.29 22.98
C ARG C 74 6.28 -32.57 23.85
N VAL C 75 7.18 -33.52 23.57
CA VAL C 75 7.22 -34.79 24.30
C VAL C 75 7.57 -34.54 25.78
N SER C 76 8.55 -33.67 26.02
CA SER C 76 8.93 -33.30 27.39
C SER C 76 7.76 -32.72 28.15
N PHE C 77 7.12 -31.71 27.57
CA PHE C 77 6.03 -31.01 28.24
C PHE C 77 4.92 -31.97 28.70
N THR C 78 4.48 -32.84 27.79
CA THR C 78 3.51 -33.91 28.08
C THR C 78 3.91 -34.78 29.28
N ARG C 79 5.17 -35.19 29.29
CA ARG C 79 5.71 -36.03 30.34
C ARG C 79 5.70 -35.25 31.66
N ASP C 80 6.17 -34.00 31.61
CA ASP C 80 6.26 -33.15 32.81
C ASP C 80 4.93 -32.87 33.50
N ILE C 81 3.90 -32.50 32.72
CA ILE C 81 2.58 -32.26 33.29
C ILE C 81 2.01 -33.57 33.86
N GLN C 82 2.04 -34.64 33.07
CA GLN C 82 1.58 -35.93 33.54
C GLN C 82 2.22 -36.26 34.88
N GLU C 83 3.44 -35.73 35.09
CA GLU C 83 4.09 -35.81 36.41
C GLU C 83 3.58 -34.73 37.35
N LEU C 84 3.60 -33.47 36.92
CA LEU C 84 3.11 -32.36 37.74
C LEU C 84 1.72 -32.61 38.31
N VAL C 85 0.85 -33.16 37.46
CA VAL C 85 -0.48 -33.61 37.86
C VAL C 85 -0.44 -34.33 39.21
N LYS C 86 0.61 -35.11 39.43
CA LYS C 86 0.72 -35.93 40.64
C LYS C 86 1.30 -35.19 41.84
N MET C 87 1.88 -34.02 41.61
CA MET C 87 2.31 -33.14 42.71
C MET C 87 1.21 -32.12 42.96
N MET C 88 0.15 -32.22 42.17
CA MET C 88 -1.04 -31.37 42.30
C MET C 88 -1.73 -31.62 43.63
N SER C 89 -2.16 -30.54 44.27
CA SER C 89 -2.92 -30.65 45.52
C SER C 89 -4.23 -29.84 45.43
N PRO C 90 -5.34 -30.42 45.92
CA PRO C 90 -5.53 -31.85 46.22
C PRO C 90 -6.00 -32.66 44.99
N LYS C 91 -5.11 -32.85 44.01
CA LYS C 91 -5.38 -33.55 42.72
C LYS C 91 -5.51 -35.08 42.86
N GLU C 92 -5.26 -35.87 41.79
CA GLU C 92 -5.04 -35.46 40.40
C GLU C 92 -6.39 -35.07 39.79
N ASP C 93 -6.57 -33.79 39.49
CA ASP C 93 -7.91 -33.29 39.21
C ASP C 93 -8.28 -33.15 37.72
N TYR C 94 -8.10 -34.25 37.00
CA TYR C 94 -8.60 -34.44 35.63
C TYR C 94 -10.07 -34.04 35.44
N PRO C 95 -10.42 -33.53 34.25
CA PRO C 95 -9.51 -33.30 33.11
C PRO C 95 -8.71 -32.00 33.23
N ILE C 96 -7.53 -31.96 32.61
CA ILE C 96 -6.66 -30.81 32.71
C ILE C 96 -6.55 -30.10 31.37
N GLU C 97 -6.87 -28.81 31.37
CA GLU C 97 -6.65 -27.96 30.21
C GLU C 97 -5.51 -27.02 30.48
N ILE C 98 -4.50 -27.05 29.61
CA ILE C 98 -3.41 -26.07 29.71
C ILE C 98 -3.22 -25.34 28.40
N GLN C 99 -3.12 -24.00 28.49
CA GLN C 99 -2.88 -23.20 27.30
C GLN C 99 -1.62 -22.38 27.49
N LEU C 100 -0.89 -22.24 26.39
CA LEU C 100 0.26 -21.37 26.37
C LEU C 100 0.15 -20.39 25.21
N SER C 101 0.46 -19.15 25.52
CA SER C 101 0.43 -18.13 24.53
C SER C 101 1.79 -17.47 24.57
N ALA C 102 2.57 -17.70 23.52
CA ALA C 102 3.88 -17.05 23.50
C ALA C 102 4.15 -16.40 22.17
N GLY C 103 4.95 -15.32 22.18
CA GLY C 103 5.39 -14.73 20.94
C GLY C 103 6.00 -13.36 21.15
N CYS C 104 5.82 -12.50 20.16
CA CYS C 104 6.32 -11.13 20.27
C CYS C 104 5.50 -10.11 19.50
N GLU C 105 5.50 -8.87 19.97
CA GLU C 105 4.82 -7.75 19.30
C GLU C 105 5.89 -6.94 18.61
N MET C 106 5.80 -6.79 17.29
CA MET C 106 6.76 -5.96 16.53
C MET C 106 6.41 -4.47 16.54
N TYR C 107 7.44 -3.62 16.43
CA TYR C 107 7.22 -2.18 16.34
C TYR C 107 8.06 -1.62 15.18
N PRO C 108 7.79 -0.35 14.74
CA PRO C 108 8.35 0.11 13.44
C PRO C 108 9.86 0.36 13.46
N GLY C 109 10.55 -0.14 14.48
CA GLY C 109 11.97 0.12 14.70
C GLY C 109 12.28 0.23 16.18
N ASN C 110 11.22 0.21 16.98
CA ASN C 110 11.36 0.02 18.42
C ASN C 110 11.96 -1.36 18.60
N ALA C 111 12.04 -1.79 19.86
CA ALA C 111 12.27 -3.19 20.08
C ALA C 111 11.02 -3.89 19.55
N SER C 112 10.93 -5.16 19.86
CA SER C 112 9.68 -5.82 19.85
C SER C 112 9.49 -6.07 21.33
N GLU C 113 8.33 -6.61 21.70
CA GLU C 113 8.13 -7.08 23.05
C GLU C 113 7.65 -8.50 22.99
N SER C 114 8.31 -9.37 23.72
CA SER C 114 8.06 -10.80 23.65
C SER C 114 7.29 -11.24 24.88
N PHE C 115 6.55 -12.34 24.76
CA PHE C 115 5.68 -12.78 25.88
C PHE C 115 5.57 -14.29 25.95
N LEU C 116 5.32 -14.79 27.14
CA LEU C 116 4.96 -16.20 27.26
C LEU C 116 4.03 -16.27 28.48
N HIS C 117 2.73 -16.48 28.21
CA HIS C 117 1.71 -16.56 29.26
C HIS C 117 1.17 -17.97 29.29
N VAL C 118 0.92 -18.47 30.49
CA VAL C 118 0.38 -19.81 30.65
C VAL C 118 -0.94 -19.75 31.43
N ALA C 119 -1.94 -20.45 30.91
CA ALA C 119 -3.17 -20.61 31.68
C ALA C 119 -3.41 -22.10 31.93
N PHE C 120 -4.13 -22.35 33.00
CA PHE C 120 -4.42 -23.66 33.53
C PHE C 120 -5.91 -23.65 33.90
N GLN C 121 -6.66 -24.64 33.42
CA GLN C 121 -8.13 -24.63 33.48
C GLN C 121 -8.71 -23.26 33.03
N GLY C 122 -8.14 -22.70 31.96
CA GLY C 122 -8.52 -21.39 31.43
C GLY C 122 -8.31 -20.21 32.34
N LYS C 123 -7.36 -20.33 33.25
CA LYS C 123 -7.05 -19.24 34.15
C LYS C 123 -5.57 -18.92 34.06
N TYR C 124 -5.25 -17.68 33.68
CA TYR C 124 -3.87 -17.20 33.53
C TYR C 124 -3.09 -17.36 34.83
N VAL C 125 -2.04 -18.17 34.82
CA VAL C 125 -1.35 -18.54 36.06
C VAL C 125 0.17 -18.33 36.11
N VAL C 126 0.83 -18.44 34.97
CA VAL C 126 2.29 -18.42 34.92
C VAL C 126 2.77 -17.61 33.71
N ARG C 127 3.89 -16.91 33.88
CA ARG C 127 4.56 -16.30 32.73
C ARG C 127 6.06 -16.51 32.78
N PHE C 128 6.70 -16.43 31.62
CA PHE C 128 8.12 -16.19 31.62
C PHE C 128 8.38 -14.67 31.59
N TRP C 129 9.32 -14.25 32.41
CA TRP C 129 9.55 -12.85 32.66
C TRP C 129 11.03 -12.61 32.85
N GLY C 130 11.70 -12.13 31.80
CA GLY C 130 13.12 -11.77 31.86
C GLY C 130 14.02 -12.98 31.80
N THR C 131 14.18 -13.65 32.94
CA THR C 131 15.05 -14.83 33.05
C THR C 131 14.40 -15.97 33.86
N SER C 132 13.12 -15.86 34.21
CA SER C 132 12.51 -16.87 35.04
C SER C 132 10.99 -16.95 34.89
N TRP C 133 10.44 -18.02 35.45
CA TRP C 133 9.03 -18.30 35.42
C TRP C 133 8.46 -17.70 36.64
N GLN C 134 7.31 -17.07 36.50
CA GLN C 134 6.62 -16.51 37.64
C GLN C 134 5.22 -17.07 37.73
N THR C 135 4.76 -17.29 38.95
CA THR C 135 3.36 -17.49 39.17
C THR C 135 2.75 -16.08 39.28
N VAL C 136 1.52 -15.95 38.80
CA VAL C 136 0.84 -14.68 38.60
C VAL C 136 -0.14 -14.44 39.76
N PRO C 137 -0.35 -13.15 40.18
CA PRO C 137 -1.16 -12.85 41.38
C PRO C 137 -2.44 -13.69 41.46
N GLY C 138 -2.59 -14.42 42.56
CA GLY C 138 -3.76 -15.30 42.75
C GLY C 138 -3.77 -16.57 41.92
N ALA C 139 -2.60 -17.17 41.73
CA ALA C 139 -2.50 -18.49 41.11
C ALA C 139 -2.53 -19.51 42.25
N PRO C 140 -2.73 -20.82 41.94
CA PRO C 140 -2.75 -21.81 43.02
C PRO C 140 -1.38 -21.88 43.70
N SER C 141 -1.37 -21.98 45.03
CA SER C 141 -0.13 -21.91 45.80
C SER C 141 0.77 -23.14 45.61
N TRP C 142 0.17 -24.28 45.27
CA TRP C 142 0.93 -25.50 45.03
C TRP C 142 1.78 -25.36 43.76
N LEU C 143 1.44 -24.39 42.92
CA LEU C 143 2.22 -24.10 41.71
C LEU C 143 3.63 -23.59 41.98
N ASP C 144 3.85 -23.04 43.17
CA ASP C 144 5.13 -22.39 43.51
C ASP C 144 6.31 -23.35 43.59
N LEU C 145 6.08 -24.55 44.13
CA LEU C 145 7.13 -25.57 44.22
C LEU C 145 7.64 -26.06 42.87
N PRO C 146 6.73 -26.56 41.99
CA PRO C 146 7.13 -26.98 40.66
C PRO C 146 7.76 -25.86 39.83
N ILE C 147 7.30 -24.63 40.02
CA ILE C 147 7.83 -23.45 39.31
C ILE C 147 9.24 -23.06 39.81
N LYS C 148 9.47 -23.22 41.11
CA LYS C 148 10.82 -23.02 41.64
C LYS C 148 11.78 -24.06 41.09
N VAL C 149 11.34 -25.32 41.09
CA VAL C 149 12.17 -26.42 40.60
C VAL C 149 12.48 -26.25 39.10
N LEU C 150 11.53 -25.67 38.38
CA LEU C 150 11.67 -25.40 36.95
C LEU C 150 12.64 -24.23 36.69
N ASN C 151 12.62 -23.27 37.60
CA ASN C 151 13.58 -22.17 37.57
C ASN C 151 15.02 -22.65 37.78
N ALA C 152 15.18 -23.78 38.44
CA ALA C 152 16.49 -24.42 38.57
C ALA C 152 17.00 -25.04 37.28
N ASP C 153 16.10 -25.29 36.31
CA ASP C 153 16.49 -25.85 35.02
C ASP C 153 17.11 -24.78 34.12
N GLN C 154 18.42 -24.61 34.24
CA GLN C 154 19.16 -23.54 33.55
C GLN C 154 19.09 -23.62 32.03
N GLY C 155 19.22 -24.83 31.49
CA GLY C 155 19.17 -25.07 30.06
C GLY C 155 17.83 -24.67 29.48
N THR C 156 16.74 -25.04 30.15
CA THR C 156 15.42 -24.62 29.70
C THR C 156 15.26 -23.08 29.74
N SER C 157 15.69 -22.49 30.84
CA SER C 157 15.65 -21.06 31.00
C SER C 157 16.43 -20.35 29.89
N ALA C 158 17.59 -20.88 29.54
CA ALA C 158 18.43 -20.29 28.53
C ALA C 158 17.79 -20.39 27.16
N THR C 159 17.23 -21.54 26.83
CA THR C 159 16.57 -21.71 25.56
C THR C 159 15.37 -20.78 25.41
N VAL C 160 14.53 -20.73 26.46
CA VAL C 160 13.35 -19.86 26.46
C VAL C 160 13.75 -18.40 26.18
N GLN C 161 14.76 -17.93 26.90
CA GLN C 161 15.25 -16.57 26.80
C GLN C 161 15.74 -16.19 25.40
N MET C 162 16.47 -17.11 24.79
CA MET C 162 16.87 -16.94 23.40
C MET C 162 15.65 -16.91 22.48
N LEU C 163 14.82 -17.97 22.57
CA LEU C 163 13.56 -18.02 21.81
C LEU C 163 12.86 -16.68 21.84
N LEU C 164 12.49 -16.20 23.04
CA LEU C 164 11.80 -14.90 23.23
C LEU C 164 12.55 -13.66 22.81
N ASN C 165 13.79 -13.50 23.25
CA ASN C 165 14.55 -12.28 23.02
C ASN C 165 15.07 -12.18 21.60
N ASP C 166 15.48 -13.31 21.05
CA ASP C 166 16.24 -13.30 19.81
C ASP C 166 15.50 -13.98 18.69
N THR C 167 15.01 -15.18 18.93
CA THR C 167 14.49 -16.02 17.84
C THR C 167 13.17 -15.53 17.25
N CYS C 168 12.27 -15.12 18.14
CA CYS C 168 10.99 -14.56 17.76
C CYS C 168 11.11 -13.30 16.87
N PRO C 169 11.77 -12.21 17.37
CA PRO C 169 11.81 -10.96 16.58
C PRO C 169 12.44 -11.17 15.23
N LEU C 170 13.50 -11.97 15.23
CA LEU C 170 14.28 -12.25 14.07
C LEU C 170 13.55 -13.11 13.05
N PHE C 171 12.82 -14.10 13.55
CA PHE C 171 11.99 -14.95 12.67
C PHE C 171 10.82 -14.18 12.07
N VAL C 172 10.18 -13.36 12.90
CA VAL C 172 9.01 -12.58 12.49
C VAL C 172 9.40 -11.53 11.48
N ARG C 173 10.56 -10.92 11.69
CA ARG C 173 11.13 -10.00 10.74
C ARG C 173 11.17 -10.66 9.36
N GLY C 174 11.74 -11.86 9.30
CA GLY C 174 11.76 -12.63 8.07
C GLY C 174 10.37 -12.92 7.52
N LEU C 175 9.44 -13.29 8.40
CA LEU C 175 8.06 -13.54 7.98
C LEU C 175 7.46 -12.33 7.30
N LEU C 176 7.70 -11.16 7.90
CA LEU C 176 7.14 -9.91 7.39
C LEU C 176 7.64 -9.61 5.99
N GLU C 177 8.94 -9.83 5.76
CA GLU C 177 9.52 -9.68 4.42
C GLU C 177 8.97 -10.76 3.47
N ALA C 178 9.03 -12.01 3.90
CA ALA C 178 8.56 -13.15 3.11
C ALA C 178 7.06 -13.14 2.75
N GLY C 179 6.24 -12.60 3.64
CA GLY C 179 4.79 -12.60 3.45
C GLY C 179 4.21 -11.28 2.99
N LYS C 180 5.09 -10.37 2.61
CA LYS C 180 4.72 -9.03 2.12
C LYS C 180 3.43 -8.96 1.29
N SER C 181 3.34 -9.79 0.26
CA SER C 181 2.23 -9.77 -0.68
C SER C 181 0.94 -10.29 -0.07
N ASP C 182 1.04 -11.22 0.87
CA ASP C 182 -0.14 -11.69 1.60
C ASP C 182 -0.56 -10.66 2.65
N LEU C 183 0.42 -10.10 3.35
CA LEU C 183 0.12 -9.22 4.47
C LEU C 183 -0.45 -7.91 3.98
N GLU C 184 -0.07 -7.53 2.76
CA GLU C 184 -0.49 -6.26 2.22
C GLU C 184 -1.53 -6.37 1.11
N LYS C 185 -2.15 -7.55 0.96
CA LYS C 185 -3.24 -7.74 -0.02
C LYS C 185 -4.42 -6.84 0.31
N GLN C 186 -5.11 -6.42 -0.75
CA GLN C 186 -6.34 -5.66 -0.61
C GLN C 186 -7.46 -6.50 -1.20
N GLU C 187 -8.45 -6.85 -0.39
CA GLU C 187 -9.66 -7.50 -0.90
C GLU C 187 -10.84 -6.59 -0.60
N LYS C 188 -11.64 -6.32 -1.61
CA LYS C 188 -12.68 -5.32 -1.50
C LYS C 188 -13.90 -5.80 -0.70
N PRO C 189 -14.47 -4.91 0.13
CA PRO C 189 -15.71 -5.29 0.78
C PRO C 189 -16.88 -5.31 -0.22
N VAL C 190 -17.88 -6.12 0.09
CA VAL C 190 -19.17 -6.09 -0.57
C VAL C 190 -20.17 -5.78 0.55
N ALA C 191 -21.12 -4.89 0.30
CA ALA C 191 -22.10 -4.49 1.31
C ALA C 191 -23.54 -4.80 0.90
N TRP C 192 -24.36 -5.22 1.86
CA TRP C 192 -25.77 -5.28 1.62
C TRP C 192 -26.60 -4.83 2.82
N LEU C 193 -27.89 -4.64 2.57
CA LEU C 193 -28.77 -4.08 3.55
C LEU C 193 -29.87 -5.07 3.91
N SER C 194 -30.33 -4.99 5.16
CA SER C 194 -31.52 -5.67 5.60
C SER C 194 -32.01 -4.89 6.79
N SER C 195 -33.20 -5.22 7.24
CA SER C 195 -33.67 -4.66 8.48
C SER C 195 -34.37 -5.75 9.31
N VAL C 196 -34.70 -5.40 10.55
CA VAL C 196 -35.18 -6.36 11.52
C VAL C 196 -36.23 -5.68 12.42
N PRO C 197 -37.33 -6.39 12.73
CA PRO C 197 -38.32 -5.86 13.66
C PRO C 197 -37.74 -5.68 15.09
N SER C 198 -38.58 -5.26 16.03
CA SER C 198 -38.23 -5.18 17.45
C SER C 198 -39.48 -5.54 18.23
N SER C 199 -39.38 -5.61 19.56
CA SER C 199 -40.57 -5.77 20.38
C SER C 199 -41.48 -4.56 20.17
N ALA C 200 -40.85 -3.40 20.09
CA ALA C 200 -41.56 -2.14 19.92
C ALA C 200 -42.08 -2.06 18.50
N HIS C 201 -43.41 -2.12 18.38
CA HIS C 201 -44.02 -2.02 17.07
C HIS C 201 -43.83 -0.59 16.54
N GLY C 202 -43.41 -0.48 15.28
CA GLY C 202 -43.08 0.80 14.70
C GLY C 202 -41.58 1.06 14.81
N HIS C 203 -40.84 0.12 15.36
CA HIS C 203 -39.42 0.31 15.55
C HIS C 203 -38.61 -0.81 14.92
N ARG C 204 -37.67 -0.41 14.07
CA ARG C 204 -36.94 -1.33 13.23
C ARG C 204 -35.47 -1.13 13.47
N GLN C 205 -34.68 -2.08 12.99
CA GLN C 205 -33.25 -1.93 13.03
C GLN C 205 -32.67 -2.19 11.66
N LEU C 206 -32.00 -1.17 11.14
CA LEU C 206 -31.29 -1.25 9.87
C LEU C 206 -29.93 -1.94 10.03
N VAL C 207 -29.60 -2.81 9.09
CA VAL C 207 -28.42 -3.63 9.19
C VAL C 207 -27.65 -3.43 7.91
N CYS C 208 -26.37 -3.09 8.03
CA CYS C 208 -25.50 -2.99 6.86
C CYS C 208 -24.49 -4.13 6.93
N HIS C 209 -24.51 -5.04 5.96
CA HIS C 209 -23.61 -6.18 6.00
C HIS C 209 -22.44 -5.89 5.11
N VAL C 210 -21.23 -6.01 5.66
CA VAL C 210 -20.01 -5.71 4.91
C VAL C 210 -19.15 -6.94 4.93
N SER C 211 -18.85 -7.50 3.77
CA SER C 211 -18.10 -8.73 3.83
C SER C 211 -17.05 -8.81 2.78
N GLY C 212 -15.94 -9.45 3.16
CA GLY C 212 -14.94 -9.90 2.21
C GLY C 212 -13.78 -8.93 2.11
N PHE C 213 -13.71 -8.04 3.09
CA PHE C 213 -12.67 -7.04 3.07
C PHE C 213 -11.43 -7.47 3.84
N TYR C 214 -10.30 -7.00 3.32
CA TYR C 214 -8.97 -7.17 3.86
C TYR C 214 -8.09 -6.00 3.40
N PRO C 215 -7.29 -5.43 4.33
CA PRO C 215 -7.11 -5.79 5.75
C PRO C 215 -8.26 -5.40 6.65
N LYS C 216 -8.13 -5.69 7.94
CA LYS C 216 -9.21 -5.53 8.91
C LYS C 216 -9.74 -4.12 9.07
N PRO C 217 -8.85 -3.13 9.25
CA PRO C 217 -9.42 -1.77 9.44
C PRO C 217 -10.45 -1.37 8.38
N VAL C 218 -11.57 -0.81 8.83
CA VAL C 218 -12.67 -0.43 7.93
C VAL C 218 -13.53 0.67 8.54
N TRP C 219 -14.20 1.43 7.70
CA TRP C 219 -15.07 2.49 8.16
C TRP C 219 -16.47 2.22 7.62
N VAL C 220 -17.44 2.14 8.53
CA VAL C 220 -18.82 1.81 8.20
C VAL C 220 -19.79 2.69 9.02
N MET C 221 -20.53 3.53 8.31
CA MET C 221 -21.46 4.44 8.96
C MET C 221 -22.84 4.38 8.27
N TRP C 222 -23.90 4.54 9.05
CA TRP C 222 -25.18 4.93 8.45
C TRP C 222 -25.19 6.45 8.25
N MET C 223 -25.65 6.87 7.07
CA MET C 223 -25.60 8.25 6.61
C MET C 223 -26.99 8.80 6.20
N ARG C 224 -27.25 10.07 6.49
CA ARG C 224 -28.39 10.73 5.89
C ARG C 224 -27.80 11.86 5.04
N GLY C 225 -27.58 11.57 3.74
CA GLY C 225 -26.84 12.45 2.87
C GLY C 225 -25.41 12.52 3.38
N ASP C 226 -24.94 13.70 3.78
CA ASP C 226 -23.56 13.79 4.33
C ASP C 226 -23.51 13.82 5.86
N GLN C 227 -24.65 13.53 6.47
CA GLN C 227 -24.75 13.60 7.90
C GLN C 227 -24.61 12.19 8.46
N GLU C 228 -23.63 12.03 9.33
CA GLU C 228 -23.35 10.75 9.95
C GLU C 228 -24.41 10.50 10.99
N GLN C 229 -24.86 9.25 11.06
CA GLN C 229 -25.82 8.87 12.09
C GLN C 229 -25.03 8.31 13.25
N GLN C 230 -24.72 9.19 14.20
CA GLN C 230 -23.86 8.81 15.32
C GLN C 230 -24.40 7.62 16.10
N GLY C 231 -25.68 7.30 15.88
CA GLY C 231 -26.30 6.09 16.39
C GLY C 231 -25.77 4.77 15.82
N THR C 232 -25.01 4.82 14.72
CA THR C 232 -24.48 3.61 14.10
C THR C 232 -23.68 2.82 15.11
N HIS C 233 -24.06 1.57 15.33
CA HIS C 233 -23.36 0.66 16.19
C HIS C 233 -22.67 -0.35 15.29
N ARG C 234 -21.38 -0.56 15.52
CA ARG C 234 -20.60 -1.57 14.79
C ARG C 234 -20.54 -2.86 15.60
N GLY C 235 -20.94 -3.98 15.00
CA GLY C 235 -20.80 -5.32 15.64
C GLY C 235 -19.35 -5.75 15.71
N ASP C 236 -19.11 -6.99 16.14
CA ASP C 236 -17.76 -7.55 16.13
C ASP C 236 -17.32 -7.82 14.70
N PHE C 237 -16.00 -7.90 14.51
CA PHE C 237 -15.48 -8.44 13.26
C PHE C 237 -15.54 -9.97 13.32
N LEU C 238 -16.26 -10.58 12.37
CA LEU C 238 -16.38 -12.01 12.28
C LEU C 238 -15.59 -12.44 11.05
N PRO C 239 -14.78 -13.52 11.20
CA PRO C 239 -13.95 -13.94 10.10
C PRO C 239 -14.69 -14.77 9.05
N ASN C 240 -14.34 -14.53 7.80
CA ASN C 240 -14.71 -15.43 6.72
C ASN C 240 -13.69 -16.53 6.61
N ALA C 241 -13.98 -17.53 5.80
CA ALA C 241 -13.09 -18.69 5.71
C ALA C 241 -12.01 -18.54 4.65
N ASP C 242 -12.00 -17.38 4.00
CA ASP C 242 -11.06 -17.08 2.93
C ASP C 242 -10.14 -15.95 3.37
N GLU C 243 -9.97 -15.79 4.69
CA GLU C 243 -9.17 -14.72 5.29
C GLU C 243 -9.59 -13.37 4.80
N THR C 244 -10.89 -13.12 4.97
CA THR C 244 -11.47 -11.81 4.81
C THR C 244 -12.38 -11.66 6.02
N TRP C 245 -12.86 -10.42 6.22
CA TRP C 245 -13.65 -10.12 7.39
C TRP C 245 -15.11 -9.82 7.05
N TYR C 246 -15.99 -10.20 7.97
CA TYR C 246 -17.40 -9.81 7.94
C TYR C 246 -17.72 -8.87 9.10
N LEU C 247 -18.50 -7.81 8.83
CA LEU C 247 -18.94 -6.88 9.89
C LEU C 247 -20.29 -6.17 9.57
N GLN C 248 -21.12 -6.05 10.59
CA GLN C 248 -22.41 -5.37 10.48
C GLN C 248 -22.34 -4.06 11.20
N ALA C 249 -22.96 -3.06 10.60
CA ALA C 249 -23.16 -1.82 11.29
C ALA C 249 -24.65 -1.67 11.27
N THR C 250 -25.18 -1.35 12.45
CA THR C 250 -26.63 -1.31 12.61
C THR C 250 -27.10 0.04 13.14
N LEU C 251 -28.37 0.34 12.87
CA LEU C 251 -29.03 1.58 13.27
C LEU C 251 -30.52 1.35 13.62
N ASP C 252 -30.90 1.72 14.84
CA ASP C 252 -32.30 1.67 15.23
C ASP C 252 -33.01 2.82 14.57
N VAL C 253 -34.21 2.58 14.07
CA VAL C 253 -34.98 3.60 13.39
C VAL C 253 -36.43 3.43 13.72
N GLU C 254 -37.16 4.53 13.68
CA GLU C 254 -38.60 4.46 13.73
C GLU C 254 -39.15 4.19 12.33
N ALA C 255 -40.30 3.54 12.28
CA ALA C 255 -40.99 3.33 11.00
C ALA C 255 -41.12 4.71 10.36
N GLY C 256 -40.71 4.80 9.10
CA GLY C 256 -40.74 6.10 8.45
C GLY C 256 -39.36 6.69 8.29
N GLU C 257 -38.50 6.45 9.28
CA GLU C 257 -37.18 7.05 9.35
C GLU C 257 -36.22 6.50 8.30
N GLU C 258 -36.49 5.31 7.78
CA GLU C 258 -35.55 4.61 6.88
C GLU C 258 -35.27 5.39 5.62
N ALA C 259 -36.31 5.97 5.06
CA ALA C 259 -36.29 6.66 3.79
C ALA C 259 -35.19 7.73 3.80
N GLY C 260 -34.25 7.62 2.87
CA GLY C 260 -33.13 8.57 2.80
C GLY C 260 -31.88 8.19 3.60
N LEU C 261 -31.92 7.09 4.34
CA LEU C 261 -30.73 6.60 5.00
C LEU C 261 -29.90 5.74 4.03
N ALA C 262 -28.58 5.84 4.16
CA ALA C 262 -27.67 4.98 3.38
C ALA C 262 -26.58 4.46 4.29
N CYS C 263 -26.07 3.31 3.89
CA CYS C 263 -24.85 2.78 4.49
C CYS C 263 -23.66 3.17 3.60
N ARG C 264 -22.62 3.68 4.23
CA ARG C 264 -21.42 4.08 3.54
C ARG C 264 -20.24 3.33 4.15
N VAL C 265 -19.43 2.74 3.29
CA VAL C 265 -18.31 1.96 3.69
C VAL C 265 -17.09 2.58 3.05
N LYS C 266 -16.06 2.86 3.87
CA LYS C 266 -14.75 3.23 3.35
C LYS C 266 -13.75 2.16 3.70
N HIS C 267 -12.84 1.87 2.78
CA HIS C 267 -11.82 0.86 3.00
C HIS C 267 -10.70 1.11 2.04
N SER C 268 -9.48 0.84 2.52
CA SER C 268 -8.23 0.99 1.77
C SER C 268 -8.25 0.34 0.39
N SER C 269 -8.97 -0.79 0.28
CA SER C 269 -9.07 -1.52 -1.00
C SER C 269 -9.81 -0.73 -2.11
N LEU C 270 -10.64 0.23 -1.73
CA LEU C 270 -11.59 0.83 -2.66
C LEU C 270 -11.06 2.00 -3.47
N GLY C 271 -9.88 2.48 -3.13
CA GLY C 271 -9.24 3.56 -3.85
C GLY C 271 -10.00 4.84 -3.68
N GLY C 272 -10.57 5.04 -2.50
CA GLY C 272 -11.35 6.24 -2.22
C GLY C 272 -12.70 6.31 -2.93
N GLN C 273 -13.17 5.17 -3.44
CA GLN C 273 -14.54 5.10 -3.95
C GLN C 273 -15.39 4.34 -2.93
N ASP C 274 -16.04 5.07 -2.05
CA ASP C 274 -16.85 4.49 -0.98
C ASP C 274 -18.06 3.71 -1.51
N ILE C 275 -18.38 2.61 -0.86
CA ILE C 275 -19.65 1.98 -1.13
C ILE C 275 -20.72 2.86 -0.49
N ILE C 276 -21.71 3.27 -1.28
CA ILE C 276 -22.90 3.90 -0.75
C ILE C 276 -24.14 3.11 -1.18
N LEU C 277 -24.95 2.73 -0.18
CA LEU C 277 -26.21 1.98 -0.45
C LEU C 277 -27.37 2.62 0.26
N TYR C 278 -28.25 3.19 -0.53
CA TYR C 278 -29.41 3.81 0.00
C TYR C 278 -30.50 2.80 0.23
N TRP C 279 -31.05 2.82 1.43
CA TRP C 279 -32.17 1.94 1.72
C TRP C 279 -33.30 2.20 0.71
N GLN D 2 -16.21 -23.52 33.54
CA GLN D 2 -16.86 -23.81 32.21
C GLN D 2 -17.47 -22.57 31.58
N LYS D 3 -17.18 -22.33 30.30
CA LYS D 3 -17.67 -21.14 29.58
C LYS D 3 -18.59 -21.50 28.41
N THR D 4 -19.78 -20.87 28.39
CA THR D 4 -20.83 -21.18 27.40
C THR D 4 -20.55 -20.65 26.00
N PRO D 5 -20.61 -21.53 24.98
CA PRO D 5 -20.37 -21.18 23.58
C PRO D 5 -21.35 -20.18 23.01
N GLN D 6 -20.84 -19.24 22.20
CA GLN D 6 -21.67 -18.29 21.49
C GLN D 6 -21.58 -18.60 20.02
N ILE D 7 -22.74 -18.70 19.37
CA ILE D 7 -22.83 -19.08 17.98
C ILE D 7 -23.31 -17.89 17.12
N GLN D 8 -22.56 -17.59 16.07
CA GLN D 8 -23.02 -16.61 15.08
C GLN D 8 -22.89 -17.24 13.71
N VAL D 9 -23.96 -17.11 12.94
CA VAL D 9 -24.10 -17.76 11.65
C VAL D 9 -24.32 -16.63 10.65
N TYR D 10 -23.50 -16.55 9.60
CA TYR D 10 -23.59 -15.48 8.61
C TYR D 10 -23.09 -16.02 7.29
N SER D 11 -23.45 -15.39 6.19
CA SER D 11 -23.05 -15.85 4.88
C SER D 11 -21.88 -15.03 4.39
N ARG D 12 -21.09 -15.63 3.51
CA ARG D 12 -19.93 -14.98 2.93
C ARG D 12 -20.30 -13.90 1.92
N HIS D 13 -21.26 -14.24 1.06
CA HIS D 13 -21.72 -13.30 0.02
C HIS D 13 -23.14 -12.81 0.32
N PRO D 14 -23.57 -11.68 -0.33
CA PRO D 14 -24.93 -11.19 -0.18
C PRO D 14 -25.87 -12.31 -0.52
N PRO D 15 -26.77 -12.70 0.41
CA PRO D 15 -27.60 -13.88 0.16
C PRO D 15 -28.57 -13.59 -0.98
N GLU D 16 -28.64 -14.50 -1.94
CA GLU D 16 -29.56 -14.31 -3.04
C GLU D 16 -30.18 -15.64 -3.35
N ASN D 17 -31.50 -15.72 -3.24
CA ASN D 17 -32.18 -17.01 -3.41
C ASN D 17 -31.79 -17.66 -4.73
N GLY D 18 -31.33 -18.91 -4.63
CA GLY D 18 -30.93 -19.69 -5.79
C GLY D 18 -29.44 -19.65 -6.11
N LYS D 19 -28.71 -18.71 -5.49
CA LYS D 19 -27.30 -18.51 -5.84
C LYS D 19 -26.38 -19.17 -4.82
N PRO D 20 -25.59 -20.16 -5.27
CA PRO D 20 -24.58 -20.81 -4.43
C PRO D 20 -23.79 -19.77 -3.65
N ASN D 21 -23.69 -19.98 -2.35
CA ASN D 21 -23.04 -19.07 -1.41
C ASN D 21 -22.23 -19.94 -0.44
N ILE D 22 -21.80 -19.34 0.68
CA ILE D 22 -21.06 -20.02 1.74
C ILE D 22 -21.59 -19.55 3.11
N LEU D 23 -21.99 -20.50 3.95
CA LEU D 23 -22.54 -20.19 5.23
C LEU D 23 -21.45 -20.37 6.30
N ASN D 24 -21.23 -19.36 7.10
CA ASN D 24 -20.30 -19.44 8.20
C ASN D 24 -20.99 -19.70 9.52
N CYS D 25 -20.33 -20.47 10.35
CA CYS D 25 -20.77 -20.67 11.70
C CYS D 25 -19.58 -20.42 12.60
N TYR D 26 -19.61 -19.28 13.27
CA TYR D 26 -18.51 -18.89 14.12
C TYR D 26 -18.86 -19.05 15.63
N VAL D 27 -18.22 -20.04 16.26
CA VAL D 27 -18.44 -20.41 17.65
C VAL D 27 -17.29 -19.89 18.49
N THR D 28 -17.60 -19.08 19.51
CA THR D 28 -16.60 -18.43 20.33
C THR D 28 -16.98 -18.59 21.78
N GLN D 29 -16.10 -18.04 22.64
CA GLN D 29 -16.31 -17.89 24.09
C GLN D 29 -16.52 -19.14 24.95
N PHE D 30 -16.06 -20.30 24.49
CA PHE D 30 -16.28 -21.51 25.25
C PHE D 30 -15.02 -22.04 25.88
N HIS D 31 -15.23 -22.99 26.77
CA HIS D 31 -14.20 -23.62 27.56
C HIS D 31 -14.85 -24.74 28.41
N PRO D 32 -14.23 -25.94 28.44
CA PRO D 32 -12.97 -26.34 27.85
C PRO D 32 -13.09 -26.45 26.32
N PRO D 33 -12.01 -26.84 25.63
CA PRO D 33 -12.03 -26.74 24.18
C PRO D 33 -12.80 -27.83 23.46
N HIS D 34 -13.29 -28.82 24.20
CA HIS D 34 -13.97 -29.95 23.58
C HIS D 34 -15.41 -29.59 23.23
N ILE D 35 -15.74 -29.79 21.96
CA ILE D 35 -16.97 -29.28 21.38
C ILE D 35 -17.39 -30.09 20.15
N GLU D 36 -18.69 -30.07 19.84
CA GLU D 36 -19.21 -30.72 18.65
C GLU D 36 -20.02 -29.70 17.89
N ILE D 37 -19.73 -29.49 16.61
CA ILE D 37 -20.42 -28.50 15.78
C ILE D 37 -21.03 -29.18 14.54
N GLN D 38 -22.34 -29.01 14.38
CA GLN D 38 -23.04 -29.48 13.19
C GLN D 38 -23.72 -28.31 12.52
N MET D 39 -23.57 -28.25 11.19
CA MET D 39 -24.31 -27.33 10.37
C MET D 39 -25.50 -28.07 9.74
N LEU D 40 -26.69 -27.47 9.84
CA LEU D 40 -27.90 -28.17 9.45
C LEU D 40 -28.70 -27.50 8.34
N LYS D 41 -29.21 -28.32 7.44
CA LYS D 41 -30.12 -27.88 6.40
C LYS D 41 -31.47 -28.59 6.63
N ASN D 42 -32.52 -27.81 6.79
CA ASN D 42 -33.85 -28.31 7.17
C ASN D 42 -33.76 -29.33 8.31
N GLY D 43 -33.01 -28.96 9.36
CA GLY D 43 -32.73 -29.84 10.51
C GLY D 43 -31.93 -31.11 10.26
N LYS D 44 -31.43 -31.30 9.03
CA LYS D 44 -30.59 -32.44 8.68
C LYS D 44 -29.10 -32.06 8.60
N LYS D 45 -28.25 -33.03 8.95
CA LYS D 45 -26.81 -32.82 9.05
C LYS D 45 -26.24 -32.60 7.64
N ILE D 46 -25.46 -31.52 7.47
CA ILE D 46 -24.76 -31.27 6.21
C ILE D 46 -23.45 -32.02 6.27
N PRO D 47 -23.13 -32.80 5.21
CA PRO D 47 -21.96 -33.70 5.27
C PRO D 47 -20.59 -33.01 5.10
N LYS D 48 -20.47 -32.11 4.11
CA LYS D 48 -19.15 -31.59 3.76
C LYS D 48 -18.74 -30.28 4.46
N VAL D 49 -18.98 -30.20 5.78
CA VAL D 49 -18.61 -29.00 6.57
C VAL D 49 -17.12 -28.89 6.95
N GLU D 50 -16.43 -27.89 6.42
CA GLU D 50 -15.03 -27.65 6.80
C GLU D 50 -14.91 -26.81 8.06
N MET D 51 -13.86 -27.05 8.84
CA MET D 51 -13.62 -26.30 10.09
C MET D 51 -12.23 -25.68 10.16
N SER D 52 -12.10 -24.57 10.86
CA SER D 52 -10.78 -23.99 11.10
C SER D 52 -10.16 -24.77 12.24
N ASP D 53 -8.85 -24.63 12.42
CA ASP D 53 -8.20 -25.15 13.61
C ASP D 53 -8.73 -24.37 14.82
N MET D 54 -8.92 -25.08 15.93
CA MET D 54 -9.32 -24.45 17.19
C MET D 54 -8.20 -23.48 17.59
N SER D 55 -8.58 -22.28 18.02
CA SER D 55 -7.61 -21.28 18.51
C SER D 55 -8.21 -20.66 19.78
N PHE D 56 -7.51 -19.73 20.44
CA PHE D 56 -8.15 -18.99 21.54
C PHE D 56 -7.78 -17.50 21.58
N SER D 57 -8.56 -16.74 22.35
CA SER D 57 -8.40 -15.28 22.45
C SER D 57 -7.62 -14.89 23.67
N LYS D 58 -7.35 -13.57 23.77
CA LYS D 58 -6.70 -12.94 24.92
C LYS D 58 -7.33 -13.40 26.23
N ASP D 59 -8.64 -13.59 26.24
CA ASP D 59 -9.33 -14.01 27.47
C ASP D 59 -9.24 -15.53 27.70
N TRP D 60 -8.46 -16.19 26.84
CA TRP D 60 -8.19 -17.63 26.97
C TRP D 60 -9.30 -18.53 26.46
N SER D 61 -10.49 -17.98 26.25
CA SER D 61 -11.60 -18.75 25.74
C SER D 61 -11.38 -19.06 24.25
N PHE D 62 -11.92 -20.21 23.86
CA PHE D 62 -11.66 -20.80 22.57
C PHE D 62 -12.66 -20.36 21.55
N TYR D 63 -12.27 -20.46 20.27
CA TYR D 63 -13.15 -20.18 19.17
C TYR D 63 -12.75 -21.03 18.00
N ILE D 64 -13.68 -21.15 17.06
CA ILE D 64 -13.51 -21.96 15.87
C ILE D 64 -14.52 -21.44 14.85
N LEU D 65 -14.18 -21.61 13.58
CA LEU D 65 -15.07 -21.21 12.51
C LEU D 65 -15.41 -22.47 11.75
N ALA D 66 -16.69 -22.75 11.61
CA ALA D 66 -17.17 -23.82 10.77
C ALA D 66 -17.74 -23.14 9.54
N HIS D 67 -17.70 -23.83 8.40
CA HIS D 67 -18.31 -23.26 7.20
C HIS D 67 -18.65 -24.29 6.16
N THR D 68 -19.66 -23.96 5.35
CA THR D 68 -20.16 -24.90 4.36
C THR D 68 -20.79 -24.17 3.18
N GLU D 69 -20.72 -24.82 2.01
CA GLU D 69 -21.45 -24.38 0.83
C GLU D 69 -22.93 -24.55 1.07
N PHE D 70 -23.68 -23.53 0.68
CA PHE D 70 -25.13 -23.63 0.66
C PHE D 70 -25.71 -22.70 -0.38
N THR D 71 -27.01 -22.82 -0.59
CA THR D 71 -27.74 -22.03 -1.54
C THR D 71 -28.98 -21.58 -0.82
N PRO D 72 -29.06 -20.28 -0.47
CA PRO D 72 -30.29 -19.73 0.12
C PRO D 72 -31.47 -19.88 -0.84
N THR D 73 -32.63 -20.21 -0.28
CA THR D 73 -33.86 -20.40 -1.04
C THR D 73 -34.99 -19.77 -0.23
N GLU D 74 -36.20 -19.84 -0.76
CA GLU D 74 -37.35 -19.33 -0.04
C GLU D 74 -37.96 -20.40 0.85
N THR D 75 -37.41 -21.62 0.79
CA THR D 75 -37.98 -22.74 1.58
C THR D 75 -37.04 -23.45 2.55
N ASP D 76 -35.71 -23.32 2.39
CA ASP D 76 -34.80 -24.10 3.24
C ASP D 76 -34.30 -23.35 4.47
N THR D 77 -34.28 -24.07 5.60
CA THR D 77 -33.67 -23.53 6.81
C THR D 77 -32.24 -24.07 7.03
N TYR D 78 -31.37 -23.18 7.48
CA TYR D 78 -30.01 -23.52 7.75
C TYR D 78 -29.72 -23.17 9.19
N ALA D 79 -28.98 -24.06 9.85
CA ALA D 79 -28.77 -23.91 11.29
C ALA D 79 -27.38 -24.37 11.70
N CYS D 80 -26.89 -23.83 12.81
CA CYS D 80 -25.65 -24.32 13.40
C CYS D 80 -25.97 -24.82 14.80
N ARG D 81 -25.69 -26.09 15.02
CA ARG D 81 -25.94 -26.68 16.30
C ARG D 81 -24.64 -27.07 17.00
N VAL D 82 -24.57 -26.71 18.26
CA VAL D 82 -23.39 -26.90 19.05
C VAL D 82 -23.69 -27.72 20.31
N LYS D 83 -22.86 -28.73 20.54
CA LYS D 83 -22.91 -29.54 21.76
C LYS D 83 -21.64 -29.24 22.57
N HIS D 84 -21.81 -28.92 23.85
CA HIS D 84 -20.69 -28.52 24.72
C HIS D 84 -21.02 -28.79 26.17
N ALA D 85 -20.02 -29.22 26.94
CA ALA D 85 -20.19 -29.66 28.31
C ALA D 85 -20.85 -28.63 29.23
N SER D 86 -20.77 -27.35 28.87
CA SER D 86 -21.33 -26.26 29.67
C SER D 86 -22.85 -26.12 29.52
N MET D 87 -23.44 -26.94 28.64
CA MET D 87 -24.89 -26.96 28.39
C MET D 87 -25.44 -28.39 28.47
N ALA D 88 -26.63 -28.58 29.05
CA ALA D 88 -27.22 -29.92 29.11
C ALA D 88 -27.82 -30.34 27.76
N GLU D 89 -28.03 -29.36 26.88
CA GLU D 89 -28.67 -29.60 25.60
C GLU D 89 -27.93 -28.86 24.51
N PRO D 90 -27.73 -29.54 23.35
CA PRO D 90 -27.20 -28.91 22.14
C PRO D 90 -27.93 -27.64 21.81
N LYS D 91 -27.19 -26.58 21.51
CA LYS D 91 -27.80 -25.32 21.16
C LYS D 91 -27.73 -25.14 19.66
N THR D 92 -28.89 -24.81 19.09
CA THR D 92 -29.03 -24.52 17.69
C THR D 92 -29.35 -23.04 17.49
N VAL D 93 -28.60 -22.41 16.60
CA VAL D 93 -28.92 -21.06 16.11
C VAL D 93 -29.20 -21.12 14.60
N TYR D 94 -30.38 -20.64 14.18
CA TYR D 94 -30.75 -20.64 12.77
C TYR D 94 -30.24 -19.40 12.07
N TRP D 95 -29.67 -19.58 10.89
CA TRP D 95 -29.28 -18.49 10.02
C TRP D 95 -30.51 -17.70 9.64
N ASP D 96 -30.44 -16.39 9.89
CA ASP D 96 -31.49 -15.49 9.50
C ASP D 96 -30.85 -14.35 8.72
N ARG D 97 -31.11 -14.29 7.41
CA ARG D 97 -30.44 -13.32 6.53
C ARG D 97 -30.72 -11.84 6.82
N ASP D 98 -31.76 -11.56 7.61
CA ASP D 98 -32.09 -10.20 8.07
C ASP D 98 -31.10 -9.80 9.15
N MET D 99 -30.60 -10.84 9.82
CA MET D 99 -29.44 -10.90 10.73
C MET D 99 -29.53 -10.07 11.99
#